data_5T7D
#
_entry.id   5T7D
#
_cell.length_a   65.100
_cell.length_b   71.500
_cell.length_c   84.050
_cell.angle_alpha   90.00
_cell.angle_beta   104.33
_cell.angle_gamma   90.00
#
_symmetry.space_group_name_H-M   'P 1 21 1'
#
loop_
_entity.id
_entity.type
_entity.pdbx_description
1 polymer 'Phosphinothricin N-acetyltransferase'
2 non-polymer 'ACETYL COENZYME *A'
3 non-polymer 'ACETATE ION'
4 water water
#
_entity_poly.entity_id   1
_entity_poly.type   'polypeptide(L)'
_entity_poly.pdbx_seq_one_letter_code
;GAMDPFMSPERRPADIRRATEADMPAVCTIVNHYIETSTVNFRTEPQEPQEWTDDLVRLRERYPWLVAEVDGEVAGIAYA
GPWKARNAYDWTAESTVYVSPRHQRTGLGSTLYTHLLKSLEAQGFKSVVAVIGLPNDPSVRMHEALGYAPRGMLRAAGFK
HGNWHDVGFWQLDFSLPVPPRPVLPVTEI
;
_entity_poly.pdbx_strand_id   A,B,C,D
#
# COMPACT_ATOMS: atom_id res chain seq x y z
N ALA A 14 0.77 -13.82 -1.35
CA ALA A 14 1.44 -14.27 -0.13
C ALA A 14 1.68 -15.77 -0.17
N ASP A 15 2.73 -16.18 0.52
CA ASP A 15 3.10 -17.57 0.73
C ASP A 15 3.09 -17.85 2.20
N ILE A 16 2.62 -19.02 2.58
CA ILE A 16 2.84 -19.55 3.93
C ILE A 16 3.68 -20.80 3.74
N ARG A 17 4.89 -20.78 4.26
CA ARG A 17 5.84 -21.87 4.02
C ARG A 17 6.69 -22.14 5.26
N ARG A 18 7.50 -23.19 5.21
CA ARG A 18 8.38 -23.51 6.33
C ARG A 18 9.51 -22.48 6.44
N ALA A 19 9.82 -22.11 7.68
CA ALA A 19 10.90 -21.18 7.94
C ALA A 19 12.23 -21.85 7.63
N THR A 20 13.16 -21.06 7.10
CA THR A 20 14.50 -21.55 6.77
C THR A 20 15.53 -20.68 7.46
N GLU A 21 16.76 -21.17 7.49
CA GLU A 21 17.85 -20.43 8.12
C GLU A 21 18.03 -19.07 7.43
N ALA A 22 17.80 -19.02 6.12
CA ALA A 22 17.97 -17.77 5.38
C ALA A 22 16.95 -16.69 5.80
N ASP A 23 15.85 -17.11 6.42
CA ASP A 23 14.80 -16.19 6.85
C ASP A 23 15.12 -15.51 8.17
N MET A 24 16.05 -16.07 8.93
CA MET A 24 16.20 -15.67 10.31
C MET A 24 16.66 -14.21 10.52
N PRO A 25 17.59 -13.69 9.71
CA PRO A 25 17.90 -12.27 9.87
C PRO A 25 16.68 -11.35 9.69
N ALA A 26 15.86 -11.62 8.68
CA ALA A 26 14.64 -10.83 8.47
C ALA A 26 13.65 -10.98 9.63
N VAL A 27 13.49 -12.19 10.15
CA VAL A 27 12.62 -12.41 11.31
C VAL A 27 13.15 -11.64 12.51
N CYS A 28 14.45 -11.76 12.75
CA CYS A 28 15.10 -11.10 13.88
C CYS A 28 14.89 -9.59 13.78
N THR A 29 14.93 -9.06 12.57
CA THR A 29 14.74 -7.62 12.38
C THR A 29 13.32 -7.21 12.75
N ILE A 30 12.35 -8.03 12.34
CA ILE A 30 10.95 -7.77 12.66
C ILE A 30 10.73 -7.79 14.17
N VAL A 31 11.20 -8.84 14.83
CA VAL A 31 10.92 -8.96 16.25
C VAL A 31 11.70 -7.89 17.05
N ASN A 32 12.91 -7.57 16.61
CA ASN A 32 13.69 -6.53 17.27
C ASN A 32 12.97 -5.18 17.25
N HIS A 33 12.20 -4.92 16.19
CA HIS A 33 11.42 -3.70 16.12
C HIS A 33 10.44 -3.65 17.27
N TYR A 34 9.77 -4.76 17.55
CA TYR A 34 8.82 -4.78 18.64
C TYR A 34 9.51 -4.76 20.00
N ILE A 35 10.68 -5.38 20.10
CA ILE A 35 11.44 -5.33 21.35
C ILE A 35 11.79 -3.87 21.65
N GLU A 36 12.20 -3.13 20.63
CA GLU A 36 12.59 -1.73 20.79
C GLU A 36 11.44 -0.80 21.12
N THR A 37 10.28 -1.01 20.49
CA THR A 37 9.25 0.03 20.42
C THR A 37 7.98 -0.28 21.17
N SER A 38 7.89 -1.48 21.74
CA SER A 38 6.64 -1.95 22.30
CA SER A 38 6.64 -1.94 22.31
C SER A 38 6.88 -2.79 23.55
N THR A 39 5.79 -3.10 24.25
CA THR A 39 5.86 -3.97 25.41
C THR A 39 5.13 -5.27 25.11
N VAL A 40 4.93 -5.59 23.82
CA VAL A 40 4.28 -6.85 23.46
C VAL A 40 5.19 -8.03 23.73
N ASN A 41 6.49 -7.78 23.84
CA ASN A 41 7.32 -8.73 24.56
C ASN A 41 8.32 -8.01 25.44
N PHE A 42 8.70 -8.71 26.50
CA PHE A 42 9.35 -8.10 27.62
C PHE A 42 10.86 -8.07 27.50
N ARG A 43 11.40 -8.54 26.38
CA ARG A 43 12.83 -8.36 26.14
C ARG A 43 13.12 -6.87 26.06
N THR A 44 14.32 -6.47 26.44
CA THR A 44 14.72 -5.07 26.33
C THR A 44 15.91 -4.91 25.38
N GLU A 45 16.63 -6.00 25.13
CA GLU A 45 17.85 -5.98 24.34
C GLU A 45 17.58 -6.58 22.95
N PRO A 46 18.10 -5.94 21.89
CA PRO A 46 17.94 -6.58 20.57
C PRO A 46 18.59 -7.95 20.54
N GLN A 47 17.96 -8.88 19.84
CA GLN A 47 18.52 -10.20 19.65
C GLN A 47 19.38 -10.25 18.40
N GLU A 48 20.26 -11.25 18.33
CA GLU A 48 21.01 -11.53 17.12
C GLU A 48 20.33 -12.65 16.35
N PRO A 49 20.45 -12.64 15.01
CA PRO A 49 19.80 -13.70 14.23
C PRO A 49 20.24 -15.11 14.62
N GLN A 50 21.45 -15.25 15.14
CA GLN A 50 21.93 -16.57 15.52
C GLN A 50 21.05 -17.22 16.57
N GLU A 51 20.43 -16.42 17.44
CA GLU A 51 19.55 -16.94 18.47
C GLU A 51 18.34 -17.61 17.81
N TRP A 52 17.88 -16.97 16.76
CA TRP A 52 16.78 -17.49 15.95
C TRP A 52 17.19 -18.74 15.20
N THR A 53 18.35 -18.67 14.56
CA THR A 53 18.85 -19.81 13.80
C THR A 53 19.04 -21.04 14.69
N ASP A 54 19.63 -20.84 15.86
CA ASP A 54 19.87 -21.94 16.80
C ASP A 54 18.57 -22.62 17.20
N ASP A 55 17.55 -21.82 17.52
CA ASP A 55 16.27 -22.40 17.93
C ASP A 55 15.55 -23.10 16.77
N LEU A 56 15.58 -22.47 15.60
CA LEU A 56 15.02 -23.09 14.40
C LEU A 56 15.64 -24.46 14.14
N VAL A 57 16.96 -24.53 14.14
CA VAL A 57 17.65 -25.78 13.84
C VAL A 57 17.34 -26.85 14.88
N ARG A 58 17.26 -26.42 16.14
CA ARG A 58 17.01 -27.35 17.23
C ARG A 58 15.57 -27.86 17.24
N LEU A 59 14.63 -27.02 16.85
CA LEU A 59 13.20 -27.29 17.04
C LEU A 59 12.39 -27.66 15.81
N ARG A 60 12.87 -27.34 14.61
CA ARG A 60 12.01 -27.37 13.41
C ARG A 60 11.52 -28.75 13.01
N GLU A 61 12.22 -29.81 13.44
CA GLU A 61 11.77 -31.16 13.15
C GLU A 61 10.63 -31.62 14.06
N ARG A 62 10.57 -31.10 15.28
N ARG A 62 10.56 -31.10 15.28
CA ARG A 62 9.52 -31.45 16.22
CA ARG A 62 9.49 -31.49 16.22
C ARG A 62 8.39 -30.43 16.29
C ARG A 62 8.40 -30.42 16.35
N TYR A 63 8.72 -29.17 16.01
CA TYR A 63 7.74 -28.09 16.10
C TYR A 63 7.64 -27.31 14.80
N PRO A 64 6.41 -26.94 14.41
CA PRO A 64 6.29 -26.12 13.19
C PRO A 64 6.88 -24.72 13.38
N TRP A 65 7.71 -24.33 12.41
CA TRP A 65 8.25 -22.99 12.29
C TRP A 65 7.86 -22.52 10.88
N LEU A 66 6.99 -21.52 10.82
CA LEU A 66 6.40 -21.09 9.56
C LEU A 66 6.64 -19.61 9.30
N VAL A 67 6.90 -19.25 8.04
CA VAL A 67 7.03 -17.85 7.66
C VAL A 67 5.98 -17.48 6.62
N ALA A 68 5.54 -16.25 6.69
CA ALA A 68 4.73 -15.65 5.64
C ALA A 68 5.64 -14.80 4.78
N GLU A 69 5.46 -14.92 3.49
CA GLU A 69 6.30 -14.23 2.54
C GLU A 69 5.39 -13.43 1.63
N VAL A 70 5.64 -12.14 1.48
CA VAL A 70 4.81 -11.27 0.66
C VAL A 70 5.71 -10.51 -0.28
N ASP A 71 5.40 -10.55 -1.57
CA ASP A 71 6.23 -9.98 -2.61
C ASP A 71 7.69 -10.39 -2.39
N GLY A 72 7.88 -11.68 -2.09
CA GLY A 72 9.21 -12.25 -1.97
C GLY A 72 10.01 -11.89 -0.72
N GLU A 73 9.42 -11.17 0.22
CA GLU A 73 10.12 -10.78 1.45
C GLU A 73 9.43 -11.40 2.67
N VAL A 74 10.21 -11.73 3.70
CA VAL A 74 9.64 -12.23 4.96
C VAL A 74 8.72 -11.16 5.59
N ALA A 75 7.48 -11.55 5.84
CA ALA A 75 6.46 -10.65 6.36
C ALA A 75 6.00 -11.04 7.77
N GLY A 76 6.28 -12.26 8.20
CA GLY A 76 5.92 -12.68 9.55
C GLY A 76 6.38 -14.08 9.83
N ILE A 77 6.31 -14.46 11.10
CA ILE A 77 6.66 -15.81 11.53
C ILE A 77 5.65 -16.27 12.56
N ALA A 78 5.31 -17.55 12.52
CA ALA A 78 4.67 -18.20 13.66
C ALA A 78 5.46 -19.46 13.94
N TYR A 79 5.75 -19.68 15.22
CA TYR A 79 6.54 -20.81 15.58
C TYR A 79 6.15 -21.39 16.92
N ALA A 80 6.43 -22.68 17.08
CA ALA A 80 6.21 -23.35 18.34
C ALA A 80 7.49 -23.92 18.93
N GLY A 81 7.45 -24.20 20.23
CA GLY A 81 8.57 -24.79 20.92
C GLY A 81 8.07 -25.40 22.21
N PRO A 82 8.97 -25.98 22.98
CA PRO A 82 8.59 -26.57 24.26
C PRO A 82 8.09 -25.52 25.23
N TRP A 83 7.05 -25.83 25.97
CA TRP A 83 6.60 -24.96 27.06
C TRP A 83 7.62 -24.91 28.19
N LYS A 84 8.12 -26.08 28.59
CA LYS A 84 9.03 -26.17 29.73
C LYS A 84 9.88 -27.42 29.59
N ALA A 85 11.11 -27.37 30.09
CA ALA A 85 12.06 -28.45 29.87
C ALA A 85 11.94 -29.52 30.95
N ARG A 86 10.77 -30.13 31.01
CA ARG A 86 10.55 -31.35 31.79
C ARG A 86 9.83 -32.30 30.85
N ASN A 87 10.14 -33.59 30.94
CA ASN A 87 9.50 -34.53 30.05
C ASN A 87 7.98 -34.56 30.22
N ALA A 88 7.50 -34.22 31.42
CA ALA A 88 6.07 -34.22 31.67
C ALA A 88 5.34 -33.20 30.79
N TYR A 89 6.06 -32.18 30.33
CA TYR A 89 5.49 -31.15 29.47
C TYR A 89 5.68 -31.44 27.97
N ASP A 90 6.13 -32.64 27.61
CA ASP A 90 6.45 -32.93 26.21
C ASP A 90 5.30 -32.72 25.23
N TRP A 91 4.06 -32.83 25.71
CA TRP A 91 2.89 -32.67 24.85
C TRP A 91 2.31 -31.27 24.91
N THR A 92 3.01 -30.37 25.59
CA THR A 92 2.57 -29.00 25.77
C THR A 92 3.52 -28.07 25.02
N ALA A 93 2.98 -27.38 24.02
CA ALA A 93 3.79 -26.48 23.19
C ALA A 93 3.52 -25.04 23.57
N GLU A 94 4.48 -24.17 23.29
CA GLU A 94 4.27 -22.73 23.31
C GLU A 94 4.15 -22.25 21.88
N SER A 95 3.28 -21.30 21.62
CA SER A 95 3.19 -20.69 20.29
C SER A 95 3.46 -19.19 20.36
N THR A 96 4.03 -18.67 19.28
CA THR A 96 4.42 -17.28 19.16
C THR A 96 4.20 -16.82 17.73
N VAL A 97 3.82 -15.56 17.53
CA VAL A 97 3.55 -15.03 16.20
C VAL A 97 3.90 -13.54 16.14
N TYR A 98 4.58 -13.14 15.07
CA TYR A 98 4.94 -11.73 14.82
C TYR A 98 4.77 -11.47 13.35
N VAL A 99 4.09 -10.38 13.01
CA VAL A 99 3.97 -9.94 11.64
C VAL A 99 4.60 -8.55 11.53
N SER A 100 5.26 -8.30 10.40
CA SER A 100 5.94 -7.04 10.16
C SER A 100 4.96 -5.89 10.25
N PRO A 101 5.43 -4.72 10.69
CA PRO A 101 4.48 -3.62 10.83
C PRO A 101 3.88 -3.20 9.47
N ARG A 102 4.60 -3.46 8.37
N ARG A 102 4.61 -3.46 8.38
CA ARG A 102 4.07 -3.16 7.05
CA ARG A 102 4.13 -3.21 7.02
C ARG A 102 2.84 -4.00 6.74
C ARG A 102 2.93 -4.06 6.64
N HIS A 103 2.82 -5.22 7.26
CA HIS A 103 1.86 -6.23 6.84
C HIS A 103 0.77 -6.54 7.85
N GLN A 104 0.65 -5.73 8.89
CA GLN A 104 -0.35 -5.92 9.93
C GLN A 104 -1.78 -5.94 9.37
N ARG A 105 -2.62 -6.78 9.97
CA ARG A 105 -4.05 -6.79 9.70
C ARG A 105 -4.37 -7.04 8.23
N THR A 106 -3.64 -7.99 7.62
CA THR A 106 -3.94 -8.45 6.27
C THR A 106 -4.09 -9.99 6.24
N GLY A 107 -4.34 -10.59 7.40
CA GLY A 107 -4.65 -12.00 7.50
C GLY A 107 -3.47 -12.94 7.72
N LEU A 108 -2.25 -12.40 7.72
CA LEU A 108 -1.06 -13.24 7.81
C LEU A 108 -0.95 -13.97 9.13
N GLY A 109 -1.15 -13.26 10.24
CA GLY A 109 -0.98 -13.85 11.55
C GLY A 109 -1.94 -14.99 11.77
N SER A 110 -3.21 -14.77 11.45
CA SER A 110 -4.22 -15.80 11.66
C SER A 110 -4.02 -16.96 10.69
N THR A 111 -3.58 -16.68 9.47
CA THR A 111 -3.29 -17.75 8.51
C THR A 111 -2.10 -18.58 8.98
N LEU A 112 -1.02 -17.92 9.40
CA LEU A 112 0.12 -18.61 9.97
C LEU A 112 -0.28 -19.50 11.14
N TYR A 113 -1.07 -18.95 12.05
CA TYR A 113 -1.47 -19.72 13.24
C TYR A 113 -2.37 -20.87 12.86
N THR A 114 -3.24 -20.69 11.88
CA THR A 114 -4.11 -21.78 11.46
C THR A 114 -3.27 -22.98 11.03
N HIS A 115 -2.21 -22.72 10.26
CA HIS A 115 -1.33 -23.80 9.82
C HIS A 115 -0.54 -24.39 10.97
N LEU A 116 -0.03 -23.53 11.83
CA LEU A 116 0.70 -23.95 13.02
C LEU A 116 -0.15 -24.87 13.86
N LEU A 117 -1.39 -24.46 14.13
CA LEU A 117 -2.28 -25.21 15.00
C LEU A 117 -2.71 -26.53 14.40
N LYS A 118 -2.94 -26.55 13.08
CA LYS A 118 -3.31 -27.79 12.40
C LYS A 118 -2.19 -28.80 12.55
N SER A 119 -0.96 -28.31 12.46
CA SER A 119 0.20 -29.18 12.58
C SER A 119 0.31 -29.72 13.99
N LEU A 120 0.30 -28.83 14.97
CA LEU A 120 0.42 -29.28 16.35
C LEU A 120 -0.66 -30.30 16.71
N GLU A 121 -1.89 -30.08 16.25
CA GLU A 121 -2.95 -31.03 16.55
C GLU A 121 -2.67 -32.36 15.89
N ALA A 122 -2.29 -32.34 14.61
CA ALA A 122 -2.07 -33.58 13.88
C ALA A 122 -0.85 -34.33 14.41
N GLN A 123 0.12 -33.59 14.92
CA GLN A 123 1.31 -34.20 15.48
C GLN A 123 1.07 -34.86 16.83
N GLY A 124 -0.06 -34.59 17.45
CA GLY A 124 -0.39 -35.26 18.71
C GLY A 124 -0.01 -34.50 19.97
N PHE A 125 0.09 -33.18 19.89
CA PHE A 125 0.25 -32.39 21.10
C PHE A 125 -1.05 -32.37 21.90
N LYS A 126 -0.94 -32.11 23.20
CA LYS A 126 -2.09 -31.99 24.09
C LYS A 126 -2.68 -30.58 24.14
N SER A 127 -1.79 -29.57 24.14
CA SER A 127 -2.25 -28.19 24.14
C SER A 127 -1.16 -27.25 23.71
N VAL A 128 -1.57 -26.01 23.48
CA VAL A 128 -0.67 -24.96 23.04
C VAL A 128 -0.92 -23.75 23.92
N VAL A 129 0.16 -23.14 24.43
CA VAL A 129 0.08 -22.02 25.35
C VAL A 129 0.72 -20.80 24.70
N ALA A 130 0.02 -19.68 24.76
CA ALA A 130 0.56 -18.41 24.27
C ALA A 130 0.75 -17.46 25.45
N VAL A 131 1.92 -16.85 25.50
CA VAL A 131 2.26 -15.91 26.55
C VAL A 131 2.11 -14.52 25.96
N ILE A 132 1.23 -13.71 26.54
CA ILE A 132 0.91 -12.40 25.99
C ILE A 132 1.16 -11.32 27.03
N GLY A 133 2.24 -10.56 26.84
CA GLY A 133 2.50 -9.39 27.65
C GLY A 133 1.42 -8.35 27.40
N LEU A 134 0.83 -7.82 28.46
CA LEU A 134 -0.35 -6.96 28.35
C LEU A 134 -0.02 -5.49 28.61
N PRO A 135 -0.76 -4.56 27.97
CA PRO A 135 -1.87 -4.80 27.04
C PRO A 135 -1.39 -5.22 25.65
N ASN A 136 -2.22 -6.01 24.98
CA ASN A 136 -1.99 -6.35 23.59
C ASN A 136 -3.32 -6.80 22.99
N ASP A 137 -4.22 -5.84 22.79
CA ASP A 137 -5.55 -6.15 22.31
C ASP A 137 -5.51 -6.89 20.97
N PRO A 138 -4.62 -6.49 20.05
CA PRO A 138 -4.62 -7.20 18.77
C PRO A 138 -4.31 -8.69 18.93
N SER A 139 -3.33 -9.00 19.78
CA SER A 139 -2.94 -10.38 19.98
C SER A 139 -3.99 -11.16 20.77
N VAL A 140 -4.54 -10.57 21.81
CA VAL A 140 -5.59 -11.24 22.57
C VAL A 140 -6.79 -11.56 21.65
N ARG A 141 -7.23 -10.58 20.87
CA ARG A 141 -8.34 -10.80 19.95
C ARG A 141 -8.02 -11.90 18.95
N MET A 142 -6.82 -11.89 18.39
CA MET A 142 -6.46 -12.90 17.38
C MET A 142 -6.46 -14.29 18.03
N HIS A 143 -5.85 -14.41 19.20
CA HIS A 143 -5.77 -15.70 19.87
C HIS A 143 -7.15 -16.23 20.23
N GLU A 144 -8.00 -15.38 20.80
CA GLU A 144 -9.32 -15.83 21.19
C GLU A 144 -10.19 -16.19 19.98
N ALA A 145 -9.98 -15.52 18.86
CA ALA A 145 -10.76 -15.81 17.65
C ALA A 145 -10.40 -17.19 17.13
N LEU A 146 -9.20 -17.66 17.44
CA LEU A 146 -8.75 -18.97 17.01
C LEU A 146 -8.97 -20.05 18.06
N GLY A 147 -9.63 -19.69 19.16
CA GLY A 147 -10.07 -20.68 20.13
C GLY A 147 -9.22 -20.80 21.38
N TYR A 148 -8.19 -19.96 21.51
CA TYR A 148 -7.44 -19.93 22.78
C TYR A 148 -8.31 -19.33 23.87
N ALA A 149 -8.21 -19.88 25.07
CA ALA A 149 -8.97 -19.38 26.20
C ALA A 149 -8.03 -18.72 27.19
N PRO A 150 -8.47 -17.62 27.82
CA PRO A 150 -7.62 -17.01 28.85
C PRO A 150 -7.53 -17.91 30.07
N ARG A 151 -6.31 -18.15 30.53
CA ARG A 151 -6.09 -19.10 31.60
C ARG A 151 -5.50 -18.46 32.84
N GLY A 152 -5.25 -17.17 32.76
CA GLY A 152 -4.76 -16.46 33.91
C GLY A 152 -3.72 -15.45 33.54
N MET A 153 -3.16 -14.84 34.57
CA MET A 153 -2.44 -13.63 34.37
C MET A 153 -1.67 -13.31 35.63
N LEU A 154 -0.38 -13.09 35.46
CA LEU A 154 0.45 -12.59 36.55
C LEU A 154 0.42 -11.07 36.51
N ARG A 155 0.25 -10.46 37.68
CA ARG A 155 0.17 -9.02 37.76
C ARG A 155 1.53 -8.40 37.87
N ALA A 156 1.73 -7.32 37.12
CA ALA A 156 2.96 -6.53 37.22
C ALA A 156 4.19 -7.42 37.24
N ALA A 157 4.22 -8.38 36.31
CA ALA A 157 5.30 -9.35 36.26
C ALA A 157 6.54 -8.80 35.58
N GLY A 158 6.36 -7.80 34.73
CA GLY A 158 7.49 -7.19 34.04
C GLY A 158 7.49 -5.68 34.16
N PHE A 159 8.69 -5.10 34.18
CA PHE A 159 8.84 -3.65 34.10
C PHE A 159 9.54 -3.32 32.80
N LYS A 160 8.89 -2.51 31.96
CA LYS A 160 9.46 -2.14 30.68
C LYS A 160 8.83 -0.84 30.22
N HIS A 161 9.67 0.01 29.63
CA HIS A 161 9.22 1.28 29.08
C HIS A 161 8.40 2.05 30.10
N GLY A 162 8.97 2.13 31.31
CA GLY A 162 8.47 3.02 32.34
C GLY A 162 7.27 2.55 33.14
N ASN A 163 6.80 1.33 32.91
CA ASN A 163 5.61 0.85 33.61
C ASN A 163 5.67 -0.63 33.92
N TRP A 164 4.94 -1.04 34.95
CA TRP A 164 4.70 -2.45 35.24
C TRP A 164 3.66 -3.00 34.25
N HIS A 165 3.90 -4.21 33.78
CA HIS A 165 2.98 -4.87 32.86
C HIS A 165 2.59 -6.25 33.37
N ASP A 166 1.31 -6.55 33.24
CA ASP A 166 0.81 -7.89 33.48
C ASP A 166 1.20 -8.79 32.33
N VAL A 167 1.21 -10.09 32.60
CA VAL A 167 1.42 -11.08 31.54
C VAL A 167 0.35 -12.15 31.66
N GLY A 168 -0.34 -12.42 30.55
CA GLY A 168 -1.40 -13.38 30.51
C GLY A 168 -1.03 -14.63 29.75
N PHE A 169 -1.67 -15.74 30.14
N PHE A 169 -1.62 -15.75 30.16
CA PHE A 169 -1.49 -17.02 29.47
CA PHE A 169 -1.46 -17.01 29.44
C PHE A 169 -2.79 -17.43 28.82
C PHE A 169 -2.78 -17.41 28.82
N TRP A 170 -2.71 -17.78 27.54
CA TRP A 170 -3.86 -18.27 26.78
C TRP A 170 -3.55 -19.68 26.33
N GLN A 171 -4.56 -20.54 26.30
CA GLN A 171 -4.34 -21.94 26.01
C GLN A 171 -5.39 -22.49 25.07
N LEU A 172 -4.94 -23.24 24.09
CA LEU A 172 -5.82 -23.98 23.19
C LEU A 172 -5.61 -25.46 23.47
N ASP A 173 -6.69 -26.16 23.81
CA ASP A 173 -6.61 -27.56 24.24
C ASP A 173 -7.00 -28.52 23.14
N PHE A 174 -6.19 -29.55 22.98
CA PHE A 174 -6.52 -30.72 22.15
C PHE A 174 -6.88 -31.88 23.08
N SER A 175 -7.15 -33.04 22.49
CA SER A 175 -7.50 -34.24 23.28
C SER A 175 -6.65 -35.42 22.85
N LEU A 176 -6.14 -36.16 23.83
CA LEU A 176 -5.28 -37.31 23.60
C LEU A 176 -5.70 -38.46 24.48
N PRO A 177 -5.40 -39.67 24.06
CA PRO A 177 -5.64 -40.82 24.94
C PRO A 177 -4.75 -40.77 26.18
N VAL A 178 -5.04 -41.66 27.13
CA VAL A 178 -4.27 -41.79 28.35
C VAL A 178 -3.78 -43.23 28.42
N PRO A 179 -2.46 -43.45 28.27
CA PRO A 179 -1.40 -42.46 28.07
C PRO A 179 -1.33 -42.02 26.63
N PRO A 180 -0.72 -40.86 26.41
CA PRO A 180 -0.48 -40.36 25.06
C PRO A 180 0.65 -41.12 24.39
N ARG A 181 0.63 -41.14 23.06
CA ARG A 181 1.78 -41.60 22.30
C ARG A 181 2.72 -40.43 22.11
N PRO A 182 4.01 -40.70 21.84
CA PRO A 182 4.92 -39.58 21.58
C PRO A 182 4.46 -38.72 20.42
N VAL A 183 4.73 -37.43 20.52
N VAL A 183 4.71 -37.42 20.50
CA VAL A 183 4.44 -36.50 19.45
CA VAL A 183 4.33 -36.54 19.42
C VAL A 183 5.13 -36.95 18.16
C VAL A 183 5.12 -36.89 18.16
N LEU A 184 4.47 -36.76 17.03
CA LEU A 184 5.05 -37.05 15.73
C LEU A 184 5.88 -35.87 15.26
N PRO A 185 6.92 -36.12 14.47
CA PRO A 185 7.66 -34.99 13.91
C PRO A 185 6.85 -34.27 12.84
N VAL A 186 7.22 -33.04 12.53
CA VAL A 186 6.52 -32.28 11.52
C VAL A 186 6.62 -32.98 10.18
N ALA B 14 0.52 15.52 33.90
CA ALA B 14 0.80 16.14 32.60
C ALA B 14 1.92 17.16 32.72
N ASP B 15 2.75 17.24 31.69
CA ASP B 15 3.82 18.23 31.61
C ASP B 15 3.86 18.70 30.16
N ILE B 16 3.16 19.79 29.88
CA ILE B 16 2.95 20.27 28.51
C ILE B 16 3.47 21.67 28.39
N ARG B 17 4.26 21.93 27.36
CA ARG B 17 4.78 23.26 27.14
C ARG B 17 5.03 23.55 25.67
N ARG B 18 5.24 24.82 25.37
CA ARG B 18 5.60 25.21 24.03
C ARG B 18 6.96 24.62 23.64
N ALA B 19 7.03 24.14 22.40
CA ALA B 19 8.23 23.55 21.86
C ALA B 19 9.30 24.61 21.68
N THR B 20 10.55 24.21 21.86
CA THR B 20 11.70 25.10 21.71
C THR B 20 12.66 24.53 20.69
N GLU B 21 13.61 25.35 20.25
CA GLU B 21 14.60 24.88 19.31
C GLU B 21 15.38 23.69 19.88
N ALA B 22 15.59 23.69 21.20
CA ALA B 22 16.30 22.60 21.86
C ALA B 22 15.56 21.26 21.76
N ASP B 23 14.24 21.29 21.58
CA ASP B 23 13.46 20.06 21.47
C ASP B 23 13.52 19.43 20.09
N MET B 24 13.98 20.16 19.08
CA MET B 24 13.79 19.70 17.70
C MET B 24 14.55 18.42 17.35
N PRO B 25 15.78 18.22 17.88
CA PRO B 25 16.42 16.93 17.63
C PRO B 25 15.60 15.74 18.14
N ALA B 26 15.07 15.84 19.35
CA ALA B 26 14.24 14.77 19.89
C ALA B 26 12.98 14.52 19.05
N VAL B 27 12.36 15.59 18.61
CA VAL B 27 11.14 15.49 17.80
C VAL B 27 11.49 14.86 16.47
N CYS B 28 12.57 15.33 15.85
CA CYS B 28 13.00 14.79 14.57
C CYS B 28 13.26 13.29 14.68
N THR B 29 13.88 12.88 15.77
CA THR B 29 14.14 11.46 16.02
C THR B 29 12.83 10.68 16.08
N ILE B 30 11.84 11.21 16.79
CA ILE B 30 10.57 10.50 16.95
C ILE B 30 9.83 10.38 15.61
N VAL B 31 9.72 11.48 14.89
CA VAL B 31 8.98 11.43 13.63
C VAL B 31 9.73 10.59 12.58
N ASN B 32 11.06 10.68 12.56
CA ASN B 32 11.87 9.87 11.65
C ASN B 32 11.63 8.38 11.89
N HIS B 33 11.43 7.99 13.14
CA HIS B 33 11.10 6.61 13.43
C HIS B 33 9.85 6.17 12.67
N TYR B 34 8.82 7.01 12.66
CA TYR B 34 7.60 6.68 11.95
C TYR B 34 7.76 6.77 10.45
N ILE B 35 8.61 7.68 9.99
CA ILE B 35 8.90 7.75 8.55
C ILE B 35 9.54 6.43 8.10
N GLU B 36 10.45 5.90 8.90
CA GLU B 36 11.17 4.67 8.56
C GLU B 36 10.29 3.44 8.57
N THR B 37 9.48 3.31 9.62
CA THR B 37 8.86 2.02 9.94
C THR B 37 7.36 1.96 9.69
N SER B 38 6.77 3.04 9.19
CA SER B 38 5.31 3.09 9.06
C SER B 38 4.88 3.92 7.85
N THR B 39 3.59 3.81 7.49
CA THR B 39 3.03 4.58 6.39
C THR B 39 2.09 5.66 6.89
N VAL B 40 2.19 5.99 8.18
CA VAL B 40 1.31 7.01 8.77
C VAL B 40 1.66 8.40 8.21
N ASN B 41 2.88 8.57 7.74
CA ASN B 41 3.14 9.67 6.82
C ASN B 41 3.97 9.21 5.65
N PHE B 42 3.76 9.88 4.52
CA PHE B 42 4.18 9.39 3.23
C PHE B 42 5.61 9.80 2.87
N ARG B 43 6.31 10.45 3.79
CA ARG B 43 7.73 10.72 3.57
C ARG B 43 8.45 9.39 3.52
N THR B 44 9.54 9.33 2.76
CA THR B 44 10.34 8.11 2.70
C THR B 44 11.77 8.37 3.16
N GLU B 45 12.16 9.63 3.21
CA GLU B 45 13.52 10.02 3.60
C GLU B 45 13.49 10.61 5.01
N PRO B 46 14.48 10.30 5.86
CA PRO B 46 14.53 10.94 7.17
C PRO B 46 14.76 12.44 7.03
N GLN B 47 14.11 13.21 7.90
CA GLN B 47 14.31 14.64 7.93
C GLN B 47 15.49 14.98 8.83
N GLU B 48 15.94 16.22 8.71
CA GLU B 48 17.04 16.73 9.50
C GLU B 48 16.52 17.79 10.47
N PRO B 49 17.19 17.95 11.63
CA PRO B 49 16.63 18.84 12.64
C PRO B 49 16.52 20.29 12.19
N GLN B 50 17.34 20.74 11.26
CA GLN B 50 17.26 22.11 10.78
C GLN B 50 15.92 22.41 10.13
N GLU B 51 15.36 21.39 9.45
N GLU B 51 15.35 21.41 9.45
CA GLU B 51 14.05 21.53 8.83
CA GLU B 51 14.05 21.63 8.82
C GLU B 51 13.01 21.83 9.90
C GLU B 51 12.98 21.83 9.90
N TRP B 52 13.09 21.08 10.99
CA TRP B 52 12.17 21.24 12.10
C TRP B 52 12.37 22.59 12.79
N THR B 53 13.62 22.95 13.01
CA THR B 53 13.92 24.25 13.60
C THR B 53 13.46 25.41 12.72
N ASP B 54 13.67 25.31 11.42
CA ASP B 54 13.25 26.35 10.51
C ASP B 54 11.75 26.57 10.63
N ASP B 55 10.99 25.48 10.65
CA ASP B 55 9.53 25.55 10.69
C ASP B 55 9.04 26.05 12.04
N LEU B 56 9.64 25.57 13.10
CA LEU B 56 9.33 26.05 14.44
C LEU B 56 9.52 27.56 14.55
N VAL B 57 10.67 28.04 14.13
CA VAL B 57 10.98 29.47 14.27
C VAL B 57 10.05 30.32 13.40
N ARG B 58 9.73 29.82 12.22
CA ARG B 58 8.85 30.53 11.31
C ARG B 58 7.40 30.55 11.82
N LEU B 59 6.96 29.48 12.47
CA LEU B 59 5.55 29.31 12.77
C LEU B 59 5.11 29.49 14.23
N ARG B 60 6.02 29.41 15.18
CA ARG B 60 5.65 29.26 16.58
C ARG B 60 4.90 30.44 17.20
N GLU B 61 5.04 31.63 16.63
CA GLU B 61 4.32 32.79 17.15
C GLU B 61 2.88 32.80 16.66
N ARG B 62 2.67 32.21 15.48
CA ARG B 62 1.35 32.22 14.83
C ARG B 62 0.55 30.96 15.14
N TYR B 63 1.25 29.85 15.34
CA TYR B 63 0.62 28.54 15.52
C TYR B 63 1.18 27.87 16.75
N PRO B 64 0.33 27.17 17.50
CA PRO B 64 0.85 26.46 18.67
C PRO B 64 1.71 25.25 18.26
N TRP B 65 2.89 25.16 18.86
CA TRP B 65 3.78 24.00 18.78
C TRP B 65 4.00 23.56 20.21
N LEU B 66 3.49 22.37 20.54
CA LEU B 66 3.50 21.90 21.93
C LEU B 66 4.20 20.57 22.05
N VAL B 67 4.96 20.40 23.12
CA VAL B 67 5.53 19.10 23.44
C VAL B 67 5.02 18.63 24.79
N ALA B 68 4.91 17.32 24.91
CA ALA B 68 4.65 16.68 26.20
C ALA B 68 5.94 16.07 26.69
N GLU B 69 6.22 16.27 27.97
CA GLU B 69 7.39 15.67 28.62
C GLU B 69 6.97 14.56 29.57
N VAL B 70 7.80 13.52 29.60
CA VAL B 70 7.71 12.48 30.61
C VAL B 70 9.12 12.27 31.16
N ASP B 71 9.27 12.40 32.47
CA ASP B 71 10.59 12.38 33.12
C ASP B 71 11.56 13.35 32.48
N GLY B 72 11.08 14.54 32.13
CA GLY B 72 11.93 15.58 31.62
C GLY B 72 12.48 15.34 30.23
N GLU B 73 11.94 14.35 29.53
CA GLU B 73 12.30 14.10 28.12
C GLU B 73 11.07 14.22 27.21
N VAL B 74 11.30 14.67 25.98
CA VAL B 74 10.21 14.87 25.04
C VAL B 74 9.61 13.53 24.63
N ALA B 75 8.31 13.40 24.83
CA ALA B 75 7.59 12.16 24.56
C ALA B 75 6.59 12.31 23.43
N GLY B 76 6.29 13.54 23.04
CA GLY B 76 5.40 13.74 21.92
C GLY B 76 5.30 15.19 21.56
N ILE B 77 4.78 15.45 20.37
CA ILE B 77 4.57 16.80 19.87
C ILE B 77 3.22 16.89 19.19
N ALA B 78 2.59 18.02 19.34
CA ALA B 78 1.47 18.37 18.46
C ALA B 78 1.76 19.78 18.00
N TYR B 79 1.59 20.02 16.71
CA TYR B 79 1.84 21.33 16.15
C TYR B 79 0.88 21.65 15.02
N ALA B 80 0.73 22.94 14.79
CA ALA B 80 -0.12 23.44 13.74
C ALA B 80 0.68 24.31 12.78
N GLY B 81 0.14 24.48 11.57
CA GLY B 81 0.76 25.32 10.57
C GLY B 81 -0.28 25.69 9.56
N PRO B 82 0.11 26.48 8.56
CA PRO B 82 -0.81 26.86 7.49
C PRO B 82 -1.27 25.65 6.69
N TRP B 83 -2.54 25.62 6.34
CA TRP B 83 -3.04 24.59 5.43
C TRP B 83 -2.49 24.81 4.02
N LYS B 84 -2.55 26.05 3.56
CA LYS B 84 -2.12 26.35 2.20
C LYS B 84 -1.64 27.80 2.12
N ALA B 85 -0.66 28.05 1.27
CA ALA B 85 0.00 29.36 1.22
C ALA B 85 -0.77 30.32 0.33
N ARG B 86 -2.00 30.60 0.71
CA ARG B 86 -2.79 31.67 0.13
C ARG B 86 -3.52 32.38 1.24
N ASN B 87 -3.67 33.69 1.12
CA ASN B 87 -4.29 34.47 2.18
C ASN B 87 -5.72 34.01 2.48
N ALA B 88 -6.42 33.49 1.49
CA ALA B 88 -7.79 33.01 1.70
C ALA B 88 -7.83 31.89 2.72
N TYR B 89 -6.70 31.22 2.89
CA TYR B 89 -6.61 30.10 3.82
C TYR B 89 -6.06 30.48 5.19
N ASP B 90 -5.93 31.79 5.45
CA ASP B 90 -5.31 32.24 6.70
C ASP B 90 -5.95 31.71 7.97
N TRP B 91 -7.24 31.39 7.93
CA TRP B 91 -7.98 30.95 9.10
C TRP B 91 -8.11 29.45 9.16
N THR B 92 -7.42 28.78 8.25
CA THR B 92 -7.47 27.33 8.16
C THR B 92 -6.10 26.76 8.48
N ALA B 93 -6.05 26.00 9.57
CA ALA B 93 -4.80 25.42 10.06
C ALA B 93 -4.73 23.94 9.74
N GLU B 94 -3.51 23.43 9.68
CA GLU B 94 -3.28 22.00 9.64
C GLU B 94 -2.75 21.58 11.00
N SER B 95 -3.19 20.43 11.50
CA SER B 95 -2.68 19.91 12.77
C SER B 95 -1.96 18.58 12.55
N THR B 96 -0.97 18.32 13.39
CA THR B 96 -0.15 17.12 13.33
C THR B 96 0.20 16.71 14.75
N VAL B 97 0.29 15.40 14.99
CA VAL B 97 0.63 14.90 16.31
C VAL B 97 1.39 13.58 16.21
N TYR B 98 2.46 13.47 16.99
CA TYR B 98 3.27 12.25 17.07
C TYR B 98 3.64 12.01 18.51
N VAL B 99 3.44 10.79 18.98
CA VAL B 99 3.85 10.38 20.31
C VAL B 99 4.89 9.26 20.16
N SER B 100 5.91 9.28 21.00
CA SER B 100 6.93 8.26 21.02
C SER B 100 6.32 6.86 21.12
N PRO B 101 6.92 5.88 20.43
CA PRO B 101 6.41 4.51 20.54
C PRO B 101 6.36 4.00 21.97
N ARG B 102 7.29 4.46 22.81
CA ARG B 102 7.34 3.99 24.19
C ARG B 102 6.26 4.62 25.07
N HIS B 103 5.52 5.59 24.52
CA HIS B 103 4.56 6.33 25.33
C HIS B 103 3.14 6.30 24.76
N GLN B 104 2.88 5.41 23.81
CA GLN B 104 1.54 5.28 23.20
C GLN B 104 0.47 4.94 24.24
N ARG B 105 -0.74 5.45 23.99
CA ARG B 105 -1.94 5.12 24.74
C ARG B 105 -1.81 5.42 26.25
N THR B 106 -1.14 6.51 26.55
CA THR B 106 -1.06 7.00 27.93
C THR B 106 -1.62 8.41 28.05
N GLY B 107 -2.38 8.83 27.04
CA GLY B 107 -3.09 10.10 27.09
C GLY B 107 -2.37 11.30 26.51
N LEU B 108 -1.12 11.12 26.08
CA LEU B 108 -0.31 12.24 25.63
C LEU B 108 -0.86 12.89 24.37
N GLY B 109 -1.26 12.07 23.39
CA GLY B 109 -1.72 12.61 22.12
C GLY B 109 -2.97 13.46 22.27
N SER B 110 -3.95 12.92 22.99
CA SER B 110 -5.22 13.61 23.17
C SER B 110 -5.06 14.83 24.07
N THR B 111 -4.18 14.73 25.07
CA THR B 111 -3.90 15.88 25.93
C THR B 111 -3.23 16.99 25.11
N LEU B 112 -2.22 16.65 24.32
CA LEU B 112 -1.56 17.64 23.47
C LEU B 112 -2.56 18.27 22.51
N TYR B 113 -3.37 17.45 21.86
CA TYR B 113 -4.30 17.98 20.86
C TYR B 113 -5.35 18.85 21.51
N THR B 114 -5.79 18.50 22.71
CA THR B 114 -6.78 19.30 23.41
C THR B 114 -6.25 20.72 23.62
N HIS B 115 -5.01 20.82 24.07
CA HIS B 115 -4.40 22.14 24.23
C HIS B 115 -4.17 22.85 22.90
N LEU B 116 -3.75 22.09 21.89
CA LEU B 116 -3.56 22.67 20.56
C LEU B 116 -4.87 23.25 20.02
N LEU B 117 -5.95 22.50 20.17
CA LEU B 117 -7.25 22.91 19.66
C LEU B 117 -7.80 24.08 20.43
N LYS B 118 -7.60 24.11 21.75
CA LYS B 118 -8.07 25.23 22.56
C LYS B 118 -7.35 26.51 22.14
N SER B 119 -6.07 26.38 21.81
CA SER B 119 -5.31 27.51 21.36
C SER B 119 -5.82 28.00 20.01
N LEU B 120 -5.97 27.09 19.05
CA LEU B 120 -6.42 27.48 17.74
C LEU B 120 -7.80 28.13 17.80
N GLU B 121 -8.68 27.60 18.64
CA GLU B 121 -9.99 28.20 18.82
C GLU B 121 -9.88 29.61 19.39
N ALA B 122 -9.13 29.76 20.47
CA ALA B 122 -8.97 31.06 21.13
C ALA B 122 -8.28 32.09 20.24
N GLN B 123 -7.40 31.63 19.36
CA GLN B 123 -6.68 32.52 18.45
C GLN B 123 -7.56 33.01 17.30
N GLY B 124 -8.70 32.33 17.09
CA GLY B 124 -9.64 32.76 16.07
C GLY B 124 -9.48 32.11 14.72
N PHE B 125 -8.97 30.89 14.68
CA PHE B 125 -9.02 30.11 13.44
C PHE B 125 -10.45 29.66 13.15
N LYS B 126 -10.73 29.41 11.87
CA LYS B 126 -12.03 28.90 11.44
C LYS B 126 -12.14 27.37 11.50
N SER B 127 -11.06 26.70 11.16
CA SER B 127 -11.08 25.24 11.18
C SER B 127 -9.67 24.70 11.17
N VAL B 128 -9.58 23.41 11.48
CA VAL B 128 -8.34 22.71 11.57
C VAL B 128 -8.49 21.43 10.75
N VAL B 129 -7.50 21.14 9.91
CA VAL B 129 -7.52 19.99 9.02
C VAL B 129 -6.38 19.05 9.36
N ALA B 130 -6.69 17.77 9.46
CA ALA B 130 -5.67 16.73 9.67
C ALA B 130 -5.62 15.84 8.46
N VAL B 131 -4.41 15.57 7.99
CA VAL B 131 -4.18 14.69 6.84
C VAL B 131 -3.66 13.37 7.39
N ILE B 132 -4.38 12.28 7.12
CA ILE B 132 -4.04 10.98 7.68
C ILE B 132 -3.83 9.96 6.56
N GLY B 133 -2.59 9.55 6.39
CA GLY B 133 -2.29 8.47 5.45
C GLY B 133 -2.86 7.18 6.01
N LEU B 134 -3.55 6.40 5.17
CA LEU B 134 -4.31 5.26 5.63
C LEU B 134 -3.67 3.94 5.17
N PRO B 135 -3.83 2.86 5.96
CA PRO B 135 -4.59 2.84 7.21
C PRO B 135 -3.84 3.44 8.40
N ASN B 136 -4.60 3.96 9.35
CA ASN B 136 -4.06 4.46 10.61
C ASN B 136 -5.20 4.56 11.60
N ASP B 137 -5.69 3.41 12.04
CA ASP B 137 -6.83 3.38 12.94
C ASP B 137 -6.59 4.17 14.23
N PRO B 138 -5.40 4.06 14.83
CA PRO B 138 -5.21 4.84 16.07
C PRO B 138 -5.38 6.35 15.83
N SER B 139 -4.82 6.86 14.75
CA SER B 139 -4.96 8.30 14.50
C SER B 139 -6.38 8.69 14.11
N VAL B 140 -7.02 7.91 13.25
CA VAL B 140 -8.40 8.21 12.88
C VAL B 140 -9.30 8.22 14.12
N ARG B 141 -9.18 7.20 14.97
CA ARG B 141 -10.02 7.13 16.14
C ARG B 141 -9.74 8.29 17.09
N MET B 142 -8.48 8.67 17.26
CA MET B 142 -8.18 9.77 18.17
C MET B 142 -8.77 11.07 17.62
N HIS B 143 -8.59 11.29 16.32
CA HIS B 143 -9.08 12.52 15.73
C HIS B 143 -10.59 12.60 15.84
N GLU B 144 -11.29 11.51 15.54
CA GLU B 144 -12.74 11.52 15.63
C GLU B 144 -13.23 11.67 17.08
N ALA B 145 -12.49 11.10 18.03
CA ALA B 145 -12.85 11.23 19.44
C ALA B 145 -12.77 12.69 19.89
N LEU B 146 -11.90 13.47 19.23
CA LEU B 146 -11.71 14.87 19.58
C LEU B 146 -12.57 15.80 18.73
N GLY B 147 -13.43 15.23 17.91
CA GLY B 147 -14.43 16.01 17.20
C GLY B 147 -14.14 16.28 15.74
N TYR B 148 -13.04 15.77 15.20
CA TYR B 148 -12.78 15.92 13.76
C TYR B 148 -13.74 15.02 12.99
N ALA B 149 -14.22 15.53 11.86
CA ALA B 149 -15.10 14.77 10.99
C ALA B 149 -14.35 14.37 9.72
N PRO B 150 -14.63 13.16 9.22
CA PRO B 150 -14.05 12.75 7.93
C PRO B 150 -14.67 13.54 6.81
N ARG B 151 -13.83 14.13 5.97
CA ARG B 151 -14.29 15.07 4.95
C ARG B 151 -13.98 14.64 3.55
N GLY B 152 -13.00 13.78 3.40
CA GLY B 152 -12.64 13.33 2.08
C GLY B 152 -11.55 12.32 2.15
N MET B 153 -11.28 11.70 1.01
CA MET B 153 -10.26 10.70 0.93
C MET B 153 -9.87 10.55 -0.52
N LEU B 154 -8.58 10.67 -0.79
CA LEU B 154 -8.05 10.40 -2.11
C LEU B 154 -7.63 8.94 -2.16
N ARG B 155 -7.92 8.29 -3.27
CA ARG B 155 -7.61 6.88 -3.40
C ARG B 155 -6.21 6.70 -3.93
N ALA B 156 -5.49 5.74 -3.33
CA ALA B 156 -4.18 5.32 -3.81
C ALA B 156 -3.31 6.51 -4.17
N ALA B 157 -3.29 7.48 -3.27
CA ALA B 157 -2.62 8.75 -3.48
C ALA B 157 -1.12 8.63 -3.25
N GLY B 158 -0.71 7.67 -2.44
CA GLY B 158 0.70 7.47 -2.16
C GLY B 158 1.13 6.02 -2.36
N PHE B 159 2.37 5.84 -2.79
CA PHE B 159 2.97 4.50 -2.82
C PHE B 159 4.11 4.46 -1.83
N LYS B 160 3.99 3.58 -0.85
CA LYS B 160 5.02 3.43 0.17
C LYS B 160 4.97 2.05 0.80
N HIS B 161 6.15 1.54 1.14
CA HIS B 161 6.29 0.23 1.76
C HIS B 161 5.51 -0.83 1.01
N GLY B 162 5.68 -0.82 -0.31
CA GLY B 162 5.20 -1.88 -1.15
C GLY B 162 3.73 -1.89 -1.53
N ASN B 163 2.98 -0.85 -1.20
CA ASN B 163 1.59 -0.80 -1.62
C ASN B 163 1.08 0.62 -1.79
N TRP B 164 -0.06 0.74 -2.47
CA TRP B 164 -0.78 1.99 -2.57
C TRP B 164 -1.53 2.27 -1.27
N HIS B 165 -1.61 3.56 -0.93
CA HIS B 165 -2.30 4.02 0.27
C HIS B 165 -3.24 5.16 -0.03
N ASP B 166 -4.45 5.07 0.52
CA ASP B 166 -5.38 6.17 0.49
C ASP B 166 -4.92 7.22 1.49
N VAL B 167 -5.37 8.45 1.30
CA VAL B 167 -5.09 9.53 2.25
C VAL B 167 -6.41 10.23 2.53
N GLY B 168 -6.74 10.36 3.81
CA GLY B 168 -7.97 11.00 4.22
C GLY B 168 -7.76 12.36 4.86
N PHE B 169 -8.80 13.18 4.78
N PHE B 169 -8.75 13.24 4.71
CA PHE B 169 -8.80 14.51 5.37
CA PHE B 169 -8.73 14.50 5.44
C PHE B 169 -9.88 14.62 6.44
C PHE B 169 -9.83 14.50 6.47
N TRP B 170 -9.48 15.00 7.65
CA TRP B 170 -10.40 15.18 8.74
C TRP B 170 -10.40 16.65 9.11
N GLN B 171 -11.56 17.16 9.52
CA GLN B 171 -11.68 18.59 9.78
C GLN B 171 -12.50 18.87 11.04
N LEU B 172 -12.03 19.81 11.84
CA LEU B 172 -12.73 20.29 13.02
C LEU B 172 -13.06 21.77 12.80
N ASP B 173 -14.33 22.11 12.94
CA ASP B 173 -14.83 23.44 12.60
C ASP B 173 -15.02 24.30 13.84
N PHE B 174 -14.60 25.55 13.74
CA PHE B 174 -14.92 26.56 14.74
C PHE B 174 -15.90 27.54 14.10
N SER B 175 -16.31 28.53 14.88
CA SER B 175 -17.28 29.51 14.42
C SER B 175 -16.72 30.90 14.60
N LEU B 176 -16.80 31.70 13.54
CA LEU B 176 -16.25 33.06 13.54
C LEU B 176 -17.25 34.06 12.98
N PRO B 177 -17.09 35.33 13.35
CA PRO B 177 -17.85 36.36 12.62
C PRO B 177 -17.40 36.42 11.17
N VAL B 178 -18.21 37.07 10.35
CA VAL B 178 -17.89 37.30 8.95
C VAL B 178 -17.97 38.80 8.66
N PRO B 179 -16.87 39.40 8.17
CA PRO B 179 -15.57 38.76 7.91
C PRO B 179 -14.86 38.43 9.21
N PRO B 180 -14.01 37.40 9.18
CA PRO B 180 -13.25 37.04 10.38
C PRO B 180 -12.22 38.11 10.69
N ARG B 181 -11.89 38.26 11.97
CA ARG B 181 -10.79 39.11 12.37
C ARG B 181 -9.48 38.37 12.15
N PRO B 182 -8.37 39.09 11.98
CA PRO B 182 -7.09 38.40 11.86
C PRO B 182 -6.85 37.49 13.05
N VAL B 183 -6.27 36.31 12.79
CA VAL B 183 -5.88 35.41 13.84
C VAL B 183 -4.92 36.07 14.81
N LEU B 184 -5.10 35.76 16.09
CA LEU B 184 -4.21 36.27 17.13
C LEU B 184 -2.96 35.42 17.23
N PRO B 185 -1.83 36.04 17.59
CA PRO B 185 -0.66 35.22 17.87
C PRO B 185 -0.87 34.38 19.12
N VAL B 186 -0.04 33.35 19.28
CA VAL B 186 -0.19 32.44 20.39
C VAL B 186 -0.04 33.17 21.73
N PRO C 13 1.74 -26.09 4.19
CA PRO C 13 2.61 -24.96 3.80
C PRO C 13 3.27 -25.24 2.45
N ALA C 14 3.55 -24.19 1.68
CA ALA C 14 4.13 -24.37 0.35
C ALA C 14 4.91 -23.13 -0.03
N ASP C 15 6.10 -23.33 -0.59
CA ASP C 15 6.89 -22.22 -1.08
C ASP C 15 6.65 -22.08 -2.57
N ILE C 16 6.06 -20.96 -2.97
CA ILE C 16 5.98 -20.60 -4.38
C ILE C 16 7.22 -19.80 -4.67
N ARG C 17 8.01 -20.23 -5.65
CA ARG C 17 9.30 -19.61 -5.91
C ARG C 17 9.68 -19.76 -7.36
N ARG C 18 10.70 -19.02 -7.79
CA ARG C 18 11.16 -19.15 -9.15
C ARG C 18 11.71 -20.56 -9.40
N ALA C 19 11.39 -21.09 -10.56
CA ALA C 19 11.85 -22.40 -10.95
C ALA C 19 13.33 -22.37 -11.27
N THR C 20 14.02 -23.44 -10.93
CA THR C 20 15.45 -23.58 -11.24
C THR C 20 15.66 -24.77 -12.17
N GLU C 21 16.85 -24.86 -12.73
CA GLU C 21 17.17 -25.98 -13.60
C GLU C 21 17.00 -27.31 -12.87
N ALA C 22 17.36 -27.36 -11.59
CA ALA C 22 17.24 -28.59 -10.82
C ALA C 22 15.80 -29.09 -10.64
N ASP C 23 14.83 -28.18 -10.76
CA ASP C 23 13.43 -28.55 -10.64
C ASP C 23 12.85 -29.21 -11.88
N MET C 24 13.51 -29.05 -13.01
CA MET C 24 12.85 -29.38 -14.27
CA MET C 24 12.85 -29.37 -14.27
C MET C 24 12.59 -30.87 -14.50
N PRO C 25 13.48 -31.75 -14.00
CA PRO C 25 13.08 -33.14 -14.20
C PRO C 25 11.75 -33.48 -13.52
N ALA C 26 11.53 -32.93 -12.32
CA ALA C 26 10.31 -33.21 -11.60
C ALA C 26 9.11 -32.59 -12.31
N VAL C 27 9.32 -31.40 -12.86
CA VAL C 27 8.28 -30.73 -13.64
C VAL C 27 7.93 -31.54 -14.88
N CYS C 28 8.95 -32.00 -15.60
CA CYS C 28 8.76 -32.80 -16.79
C CYS C 28 7.93 -34.05 -16.47
N THR C 29 8.24 -34.69 -15.35
CA THR C 29 7.49 -35.87 -14.94
C THR C 29 6.02 -35.55 -14.72
N ILE C 30 5.73 -34.46 -14.02
CA ILE C 30 4.35 -34.05 -13.77
C ILE C 30 3.61 -33.80 -15.08
N VAL C 31 4.18 -32.97 -15.95
CA VAL C 31 3.46 -32.58 -17.15
C VAL C 31 3.34 -33.74 -18.14
N ASN C 32 4.37 -34.58 -18.22
CA ASN C 32 4.29 -35.77 -19.06
C ASN C 32 3.12 -36.65 -18.66
N HIS C 33 2.87 -36.77 -17.37
CA HIS C 33 1.76 -37.59 -16.92
C HIS C 33 0.45 -37.08 -17.53
N TYR C 34 0.28 -35.77 -17.55
CA TYR C 34 -0.93 -35.18 -18.12
C TYR C 34 -0.97 -35.27 -19.65
N ILE C 35 0.19 -35.16 -20.29
CA ILE C 35 0.25 -35.36 -21.73
C ILE C 35 -0.30 -36.74 -22.06
N GLU C 36 0.15 -37.74 -21.30
CA GLU C 36 -0.25 -39.12 -21.55
C GLU C 36 -1.74 -39.34 -21.25
N THR C 37 -2.21 -38.79 -20.15
CA THR C 37 -3.51 -39.21 -19.57
C THR C 37 -4.65 -38.20 -19.68
N SER C 38 -4.39 -37.01 -20.21
CA SER C 38 -5.38 -35.95 -20.23
C SER C 38 -5.46 -35.28 -21.59
N THR C 39 -6.63 -34.75 -21.93
CA THR C 39 -6.76 -33.91 -23.13
C THR C 39 -6.74 -32.41 -22.80
N VAL C 40 -6.28 -32.04 -21.61
CA VAL C 40 -6.24 -30.61 -21.31
C VAL C 40 -5.22 -29.88 -22.20
N ASN C 41 -4.18 -30.61 -22.61
CA ASN C 41 -3.31 -30.16 -23.68
C ASN C 41 -3.40 -31.20 -24.78
N PHE C 42 -3.08 -30.78 -26.00
CA PHE C 42 -3.21 -31.68 -27.14
C PHE C 42 -1.88 -32.26 -27.55
N ARG C 43 -0.86 -32.19 -26.69
CA ARG C 43 0.39 -32.88 -26.98
C ARG C 43 0.15 -34.39 -26.96
N THR C 44 0.85 -35.14 -27.81
CA THR C 44 0.68 -36.60 -27.81
C THR C 44 2.03 -37.30 -27.82
N GLU C 45 3.04 -36.58 -27.38
CA GLU C 45 4.38 -37.12 -27.22
C GLU C 45 4.95 -36.56 -25.91
N PRO C 46 5.55 -37.41 -25.08
CA PRO C 46 6.13 -36.82 -23.87
C PRO C 46 7.37 -36.01 -24.21
N GLN C 47 7.73 -35.12 -23.31
CA GLN C 47 8.88 -34.25 -23.47
C GLN C 47 10.02 -34.77 -22.63
N GLU C 48 11.22 -34.25 -22.89
CA GLU C 48 12.41 -34.60 -22.13
C GLU C 48 12.79 -33.44 -21.23
N PRO C 49 13.42 -33.73 -20.07
CA PRO C 49 13.77 -32.64 -19.17
C PRO C 49 14.67 -31.60 -19.81
N GLN C 50 15.49 -32.00 -20.77
CA GLN C 50 16.37 -31.07 -21.45
C GLN C 50 15.58 -29.96 -22.15
N GLU C 51 14.43 -30.31 -22.72
N GLU C 51 14.42 -30.29 -22.71
CA GLU C 51 13.58 -29.32 -23.38
CA GLU C 51 13.63 -29.27 -23.40
C GLU C 51 13.13 -28.28 -22.37
C GLU C 51 13.07 -28.27 -22.39
N TRP C 52 12.64 -28.77 -21.24
CA TRP C 52 12.16 -27.91 -20.18
C TRP C 52 13.25 -26.99 -19.67
N THR C 53 14.45 -27.52 -19.49
CA THR C 53 15.53 -26.74 -18.97
C THR C 53 15.97 -25.70 -20.00
N ASP C 54 15.98 -26.09 -21.27
CA ASP C 54 16.34 -25.16 -22.34
C ASP C 54 15.35 -24.01 -22.38
N ASP C 55 14.05 -24.32 -22.29
CA ASP C 55 13.04 -23.27 -22.32
C ASP C 55 13.12 -22.38 -21.07
N LEU C 56 13.33 -22.99 -19.90
CA LEU C 56 13.45 -22.24 -18.66
C LEU C 56 14.55 -21.21 -18.77
N VAL C 57 15.73 -21.66 -19.17
CA VAL C 57 16.88 -20.77 -19.17
C VAL C 57 16.72 -19.68 -20.23
N ARG C 58 16.03 -20.00 -21.31
CA ARG C 58 15.78 -19.05 -22.38
C ARG C 58 14.76 -17.97 -21.98
N LEU C 59 13.74 -18.35 -21.21
CA LEU C 59 12.60 -17.48 -20.96
C LEU C 59 12.48 -16.90 -19.56
N ARG C 60 13.21 -17.42 -18.59
CA ARG C 60 12.91 -17.12 -17.19
C ARG C 60 13.20 -15.69 -16.76
N GLU C 61 14.00 -14.96 -17.54
CA GLU C 61 14.28 -13.56 -17.23
C GLU C 61 13.18 -12.64 -17.79
N ARG C 62 12.53 -13.08 -18.86
N ARG C 62 12.53 -13.07 -18.86
CA ARG C 62 11.46 -12.31 -19.50
CA ARG C 62 11.47 -12.31 -19.50
C ARG C 62 10.08 -12.64 -18.96
C ARG C 62 10.09 -12.62 -18.92
N TYR C 63 9.89 -13.89 -18.55
CA TYR C 63 8.60 -14.37 -18.07
C TYR C 63 8.77 -15.11 -16.76
N PRO C 64 7.77 -14.99 -15.87
CA PRO C 64 7.86 -15.76 -14.63
C PRO C 64 7.71 -17.25 -14.87
N TRP C 65 8.65 -18.01 -14.32
CA TRP C 65 8.56 -19.46 -14.28
C TRP C 65 8.61 -19.84 -12.81
N LEU C 66 7.53 -20.41 -12.29
CA LEU C 66 7.37 -20.63 -10.86
C LEU C 66 7.08 -22.07 -10.54
N VAL C 67 7.61 -22.55 -9.42
CA VAL C 67 7.23 -23.85 -8.93
C VAL C 67 6.69 -23.72 -7.53
N ALA C 68 5.87 -24.69 -7.15
CA ALA C 68 5.38 -24.80 -5.80
C ALA C 68 6.12 -25.97 -5.17
N GLU C 69 6.80 -25.69 -4.06
CA GLU C 69 7.55 -26.71 -3.37
C GLU C 69 6.86 -27.04 -2.05
N VAL C 70 6.54 -28.31 -1.88
CA VAL C 70 5.84 -28.77 -0.70
C VAL C 70 6.66 -29.89 -0.08
N ASP C 71 7.04 -29.67 1.18
CA ASP C 71 7.83 -30.63 1.92
C ASP C 71 9.02 -31.06 1.09
N GLY C 72 9.64 -30.06 0.46
CA GLY C 72 10.89 -30.23 -0.26
C GLY C 72 10.77 -30.76 -1.69
N GLU C 73 9.56 -31.08 -2.14
CA GLU C 73 9.36 -31.64 -3.48
C GLU C 73 8.60 -30.69 -4.38
N VAL C 74 8.87 -30.75 -5.67
CA VAL C 74 8.13 -29.95 -6.63
C VAL C 74 6.72 -30.50 -6.74
N ALA C 75 5.72 -29.68 -6.42
CA ALA C 75 4.34 -30.11 -6.46
C ALA C 75 3.52 -29.41 -7.55
N GLY C 76 4.14 -28.47 -8.28
CA GLY C 76 3.43 -27.77 -9.34
C GLY C 76 4.31 -26.78 -10.03
N ILE C 77 3.87 -26.38 -11.23
CA ILE C 77 4.57 -25.41 -12.07
C ILE C 77 3.53 -24.45 -12.64
N ALA C 78 3.87 -23.17 -12.68
CA ALA C 78 3.13 -22.22 -13.51
C ALA C 78 4.16 -21.38 -14.22
N TYR C 79 3.94 -21.14 -15.51
CA TYR C 79 4.87 -20.33 -16.27
C TYR C 79 4.18 -19.60 -17.39
N ALA C 80 4.84 -18.56 -17.83
CA ALA C 80 4.36 -17.74 -18.90
C ALA C 80 5.37 -17.74 -20.04
N GLY C 81 4.88 -17.36 -21.21
CA GLY C 81 5.72 -17.20 -22.38
C GLY C 81 5.01 -16.34 -23.39
N PRO C 82 5.67 -16.10 -24.53
CA PRO C 82 5.03 -15.25 -25.54
C PRO C 82 3.80 -15.94 -26.14
N TRP C 83 2.82 -15.14 -26.54
CA TRP C 83 1.62 -15.65 -27.18
C TRP C 83 1.88 -15.96 -28.66
N LYS C 84 2.52 -15.02 -29.35
CA LYS C 84 2.75 -15.17 -30.78
C LYS C 84 3.97 -14.33 -31.18
N ALA C 85 4.72 -14.80 -32.18
CA ALA C 85 6.00 -14.20 -32.53
C ALA C 85 5.86 -12.98 -33.45
N ARG C 86 5.19 -11.96 -32.94
CA ARG C 86 5.10 -10.67 -33.61
C ARG C 86 5.33 -9.60 -32.55
N ASN C 87 5.99 -8.52 -32.95
CA ASN C 87 6.21 -7.39 -32.07
C ASN C 87 4.92 -6.87 -31.46
N ALA C 88 3.85 -6.86 -32.25
CA ALA C 88 2.57 -6.32 -31.80
C ALA C 88 2.01 -7.09 -30.62
N TYR C 89 2.43 -8.35 -30.48
CA TYR C 89 1.97 -9.21 -29.40
C TYR C 89 2.88 -9.18 -28.16
N ASP C 90 3.85 -8.26 -28.13
CA ASP C 90 4.87 -8.28 -27.07
C ASP C 90 4.27 -8.17 -25.68
N TRP C 91 3.11 -7.53 -25.57
CA TRP C 91 2.45 -7.33 -24.28
C TRP C 91 1.40 -8.39 -23.96
N THR C 92 1.35 -9.43 -24.79
CA THR C 92 0.41 -10.52 -24.62
C THR C 92 1.16 -11.80 -24.29
N ALA C 93 0.89 -12.36 -23.11
CA ALA C 93 1.55 -13.55 -22.64
C ALA C 93 0.61 -14.73 -22.66
N GLU C 94 1.18 -15.93 -22.73
CA GLU C 94 0.44 -17.16 -22.49
C GLU C 94 0.80 -17.66 -21.11
N SER C 95 -0.17 -18.22 -20.40
CA SER C 95 0.09 -18.82 -19.10
C SER C 95 -0.30 -20.30 -19.12
N THR C 96 0.41 -21.07 -18.30
CA THR C 96 0.25 -22.50 -18.18
C THR C 96 0.42 -22.87 -16.71
N VAL C 97 -0.32 -23.87 -16.24
CA VAL C 97 -0.22 -24.35 -14.86
C VAL C 97 -0.55 -25.84 -14.77
N TYR C 98 0.30 -26.58 -14.04
CA TYR C 98 0.08 -28.00 -13.76
C TYR C 98 0.44 -28.27 -12.31
N VAL C 99 -0.46 -28.91 -11.58
CA VAL C 99 -0.21 -29.30 -10.19
C VAL C 99 -0.13 -30.81 -10.16
N SER C 100 0.78 -31.35 -9.36
CA SER C 100 0.97 -32.79 -9.27
C SER C 100 -0.35 -33.48 -8.92
N PRO C 101 -0.61 -34.66 -9.49
CA PRO C 101 -1.87 -35.31 -9.18
C PRO C 101 -2.09 -35.59 -7.69
N ARG C 102 -1.03 -35.71 -6.90
CA ARG C 102 -1.19 -35.92 -5.44
C ARG C 102 -1.53 -34.66 -4.67
N HIS C 103 -1.48 -33.51 -5.33
CA HIS C 103 -1.59 -32.22 -4.64
C HIS C 103 -2.73 -31.35 -5.14
N GLN C 104 -3.63 -31.94 -5.92
CA GLN C 104 -4.78 -31.24 -6.48
C GLN C 104 -5.68 -30.65 -5.41
N ARG C 105 -6.23 -29.48 -5.72
CA ARG C 105 -7.26 -28.83 -4.91
C ARG C 105 -6.83 -28.57 -3.46
N THR C 106 -5.57 -28.19 -3.31
CA THR C 106 -5.04 -27.72 -2.02
C THR C 106 -4.54 -26.27 -2.15
N GLY C 107 -5.01 -25.57 -3.18
CA GLY C 107 -4.72 -24.15 -3.35
C GLY C 107 -3.42 -23.82 -4.07
N LEU C 108 -2.67 -24.83 -4.49
CA LEU C 108 -1.38 -24.55 -5.11
C LEU C 108 -1.49 -23.87 -6.46
N GLY C 109 -2.45 -24.31 -7.28
CA GLY C 109 -2.65 -23.72 -8.58
C GLY C 109 -3.01 -22.26 -8.48
N SER C 110 -3.90 -21.95 -7.53
CA SER C 110 -4.31 -20.58 -7.29
C SER C 110 -3.14 -19.74 -6.84
N THR C 111 -2.36 -20.26 -5.90
CA THR C 111 -1.23 -19.49 -5.40
C THR C 111 -0.19 -19.27 -6.50
N LEU C 112 0.11 -20.33 -7.25
CA LEU C 112 1.04 -20.20 -8.37
C LEU C 112 0.59 -19.12 -9.33
N TYR C 113 -0.69 -19.17 -9.71
CA TYR C 113 -1.19 -18.22 -10.69
C TYR C 113 -1.25 -16.80 -10.12
N THR C 114 -1.57 -16.65 -8.84
CA THR C 114 -1.63 -15.32 -8.25
C THR C 114 -0.26 -14.67 -8.33
N HIS C 115 0.78 -15.44 -8.01
CA HIS C 115 2.13 -14.92 -8.09
C HIS C 115 2.51 -14.65 -9.55
N LEU C 116 2.16 -15.57 -10.46
CA LEU C 116 2.45 -15.40 -11.87
C LEU C 116 1.80 -14.12 -12.44
N LEU C 117 0.53 -13.94 -12.11
CA LEU C 117 -0.25 -12.86 -12.65
C LEU C 117 0.21 -11.51 -12.09
N LYS C 118 0.53 -11.51 -10.81
CA LYS C 118 1.03 -10.28 -10.19
C LYS C 118 2.35 -9.86 -10.81
N SER C 119 3.19 -10.83 -11.16
CA SER C 119 4.45 -10.52 -11.84
C SER C 119 4.17 -9.95 -13.22
N LEU C 120 3.35 -10.62 -14.01
CA LEU C 120 3.07 -10.13 -15.35
C LEU C 120 2.44 -8.73 -15.33
N GLU C 121 1.59 -8.47 -14.35
CA GLU C 121 0.99 -7.15 -14.24
C GLU C 121 2.06 -6.10 -13.95
N ALA C 122 2.93 -6.38 -12.97
CA ALA C 122 3.99 -5.43 -12.60
C ALA C 122 4.98 -5.23 -13.73
N GLN C 123 5.17 -6.27 -14.54
CA GLN C 123 6.12 -6.19 -15.65
C GLN C 123 5.57 -5.35 -16.80
N GLY C 124 4.28 -5.05 -16.77
CA GLY C 124 3.68 -4.20 -17.79
C GLY C 124 3.04 -4.95 -18.96
N PHE C 125 2.62 -6.19 -18.74
CA PHE C 125 1.85 -6.88 -19.76
C PHE C 125 0.42 -6.35 -19.87
N LYS C 126 -0.19 -6.57 -21.03
CA LYS C 126 -1.55 -6.11 -21.31
C LYS C 126 -2.56 -7.17 -20.95
N SER C 127 -2.23 -8.42 -21.25
CA SER C 127 -3.14 -9.51 -20.96
C SER C 127 -2.42 -10.85 -20.99
N VAL C 128 -3.10 -11.85 -20.46
CA VAL C 128 -2.58 -13.21 -20.37
C VAL C 128 -3.64 -14.15 -20.92
N VAL C 129 -3.22 -15.03 -21.82
CA VAL C 129 -4.11 -15.96 -22.48
C VAL C 129 -3.81 -17.39 -22.05
N ALA C 130 -4.87 -18.14 -21.76
CA ALA C 130 -4.77 -19.55 -21.35
C ALA C 130 -5.51 -20.39 -22.38
N VAL C 131 -4.84 -21.41 -22.89
CA VAL C 131 -5.40 -22.30 -23.90
C VAL C 131 -5.79 -23.57 -23.17
N ILE C 132 -7.07 -23.93 -23.22
CA ILE C 132 -7.58 -25.07 -22.47
C ILE C 132 -8.31 -26.04 -23.39
N GLY C 133 -7.76 -27.24 -23.52
CA GLY C 133 -8.42 -28.30 -24.26
C GLY C 133 -9.63 -28.75 -23.48
N LEU C 134 -10.75 -28.97 -24.17
CA LEU C 134 -12.02 -29.20 -23.52
C LEU C 134 -12.56 -30.59 -23.79
N PRO C 135 -13.36 -31.13 -22.85
CA PRO C 135 -13.75 -30.53 -21.57
C PRO C 135 -12.67 -30.65 -20.50
N ASN C 136 -12.54 -29.64 -19.66
CA ASN C 136 -11.66 -29.67 -18.49
C ASN C 136 -12.22 -28.72 -17.44
N ASP C 137 -13.25 -29.17 -16.75
CA ASP C 137 -13.94 -28.31 -15.80
C ASP C 137 -13.02 -27.76 -14.71
N PRO C 138 -12.13 -28.60 -14.15
CA PRO C 138 -11.29 -28.01 -13.10
C PRO C 138 -10.45 -26.83 -13.58
N SER C 139 -9.88 -26.94 -14.77
CA SER C 139 -9.04 -25.87 -15.26
C SER C 139 -9.87 -24.65 -15.60
N VAL C 140 -11.02 -24.87 -16.22
CA VAL C 140 -11.90 -23.76 -16.56
C VAL C 140 -12.34 -23.03 -15.30
N ARG C 141 -12.79 -23.78 -14.30
CA ARG C 141 -13.25 -23.17 -13.07
C ARG C 141 -12.13 -22.41 -12.34
N MET C 142 -10.94 -22.99 -12.31
CA MET C 142 -9.82 -22.33 -11.66
C MET C 142 -9.43 -21.04 -12.39
N HIS C 143 -9.39 -21.10 -13.72
CA HIS C 143 -9.04 -19.91 -14.48
C HIS C 143 -10.08 -18.80 -14.27
N GLU C 144 -11.35 -19.15 -14.31
CA GLU C 144 -12.39 -18.13 -14.14
C GLU C 144 -12.38 -17.57 -12.72
N ALA C 145 -12.08 -18.42 -11.75
CA ALA C 145 -12.00 -17.98 -10.36
C ALA C 145 -10.88 -16.95 -10.19
N LEU C 146 -9.84 -17.05 -11.01
CA LEU C 146 -8.71 -16.13 -10.94
C LEU C 146 -8.88 -14.93 -11.87
N GLY C 147 -10.04 -14.81 -12.50
CA GLY C 147 -10.36 -13.62 -13.29
C GLY C 147 -10.27 -13.72 -14.80
N TYR C 148 -9.89 -14.88 -15.31
CA TYR C 148 -9.87 -15.07 -16.76
C TYR C 148 -11.30 -15.15 -17.27
N ALA C 149 -11.54 -14.56 -18.44
CA ALA C 149 -12.85 -14.61 -19.08
C ALA C 149 -12.78 -15.51 -20.29
N PRO C 150 -13.86 -16.26 -20.57
CA PRO C 150 -13.90 -17.09 -21.78
C PRO C 150 -14.01 -16.20 -23.01
N ARG C 151 -13.12 -16.42 -23.96
CA ARG C 151 -13.01 -15.54 -25.12
C ARG C 151 -13.32 -16.24 -26.42
N GLY C 152 -13.67 -17.51 -26.32
CA GLY C 152 -14.10 -18.25 -27.47
C GLY C 152 -13.44 -19.60 -27.53
N MET C 153 -13.73 -20.29 -28.62
CA MET C 153 -13.45 -21.70 -28.67
C MET C 153 -13.51 -22.14 -30.11
N LEU C 154 -12.53 -22.94 -30.48
CA LEU C 154 -12.53 -23.59 -31.77
C LEU C 154 -13.10 -24.98 -31.60
N ARG C 155 -14.02 -25.36 -32.47
CA ARG C 155 -14.70 -26.64 -32.34
C ARG C 155 -13.94 -27.78 -33.00
N ALA C 156 -13.86 -28.90 -32.28
CA ALA C 156 -13.25 -30.11 -32.83
C ALA C 156 -11.93 -29.79 -33.49
N ALA C 157 -11.08 -29.05 -32.76
CA ALA C 157 -9.84 -28.55 -33.31
C ALA C 157 -8.71 -29.56 -33.17
N GLY C 158 -8.81 -30.44 -32.18
CA GLY C 158 -7.78 -31.44 -31.97
C GLY C 158 -8.38 -32.83 -31.95
N PHE C 159 -7.63 -33.80 -32.48
CA PHE C 159 -7.98 -35.20 -32.35
C PHE C 159 -6.97 -35.80 -31.37
N LYS C 160 -7.45 -36.17 -30.19
CA LYS C 160 -6.59 -36.77 -29.18
C LYS C 160 -7.42 -37.78 -28.38
N HIS C 161 -6.78 -38.86 -27.96
CA HIS C 161 -7.46 -39.88 -27.19
C HIS C 161 -8.70 -40.38 -27.92
N GLY C 162 -8.59 -40.45 -29.24
CA GLY C 162 -9.60 -41.10 -30.04
C GLY C 162 -10.86 -40.32 -30.31
N ASN C 163 -10.85 -39.02 -30.00
CA ASN C 163 -12.01 -38.18 -30.25
C ASN C 163 -11.62 -36.77 -30.66
N TRP C 164 -12.56 -36.06 -31.25
CA TRP C 164 -12.41 -34.64 -31.51
C TRP C 164 -12.66 -33.87 -30.24
N HIS C 165 -11.82 -32.88 -29.97
CA HIS C 165 -11.96 -32.02 -28.81
C HIS C 165 -11.93 -30.57 -29.22
N ASP C 166 -12.83 -29.80 -28.60
CA ASP C 166 -12.80 -28.34 -28.71
C ASP C 166 -11.61 -27.79 -27.93
N VAL C 167 -11.16 -26.58 -28.29
CA VAL C 167 -10.16 -25.87 -27.53
C VAL C 167 -10.66 -24.46 -27.26
N GLY C 168 -10.59 -24.04 -26.01
CA GLY C 168 -11.08 -22.73 -25.60
C GLY C 168 -9.94 -21.81 -25.21
N PHE C 169 -10.17 -20.52 -25.39
N PHE C 169 -10.18 -20.52 -25.38
CA PHE C 169 -9.20 -19.51 -25.00
CA PHE C 169 -9.22 -19.49 -25.01
C PHE C 169 -9.78 -18.66 -23.90
C PHE C 169 -9.79 -18.65 -23.90
N TRP C 170 -9.05 -18.53 -22.80
CA TRP C 170 -9.44 -17.69 -21.68
C TRP C 170 -8.44 -16.56 -21.57
N GLN C 171 -8.88 -15.38 -21.17
CA GLN C 171 -8.01 -14.23 -21.17
C GLN C 171 -8.23 -13.36 -19.93
N LEU C 172 -7.14 -13.00 -19.29
CA LEU C 172 -7.17 -12.07 -18.18
C LEU C 172 -6.60 -10.76 -18.65
N ASP C 173 -7.38 -9.68 -18.54
CA ASP C 173 -6.98 -8.37 -19.02
C ASP C 173 -6.42 -7.48 -17.92
N PHE C 174 -5.30 -6.83 -18.23
CA PHE C 174 -4.76 -5.76 -17.43
C PHE C 174 -5.07 -4.44 -18.14
N SER C 175 -4.94 -3.33 -17.42
CA SER C 175 -5.13 -2.02 -18.04
C SER C 175 -3.77 -1.41 -18.37
N LEU C 176 -3.59 -1.01 -19.64
CA LEU C 176 -2.41 -0.24 -20.08
C LEU C 176 -2.84 0.98 -20.86
N PRO C 177 -1.98 2.00 -20.89
CA PRO C 177 -2.26 3.19 -21.69
C PRO C 177 -1.85 3.02 -23.13
N VAL C 178 -2.13 4.03 -23.93
CA VAL C 178 -1.67 4.11 -25.30
C VAL C 178 -0.62 5.21 -25.36
N PRO C 179 0.63 4.90 -25.76
CA PRO C 179 1.20 3.60 -26.11
C PRO C 179 1.78 2.90 -24.88
N PRO C 180 1.90 1.56 -24.92
CA PRO C 180 2.51 0.83 -23.81
C PRO C 180 4.02 0.99 -23.75
N ARG C 181 4.56 1.02 -22.54
CA ARG C 181 6.00 1.01 -22.36
C ARG C 181 6.47 -0.42 -22.57
N PRO C 182 7.72 -0.61 -23.01
CA PRO C 182 8.23 -1.98 -23.17
C PRO C 182 8.17 -2.75 -21.87
N VAL C 183 7.85 -4.03 -21.95
N VAL C 183 7.83 -4.03 -21.92
CA VAL C 183 7.75 -4.89 -20.77
CA VAL C 183 7.69 -4.80 -20.69
C VAL C 183 9.05 -4.94 -19.99
C VAL C 183 9.03 -4.92 -19.97
N LEU C 184 8.95 -5.08 -18.67
CA LEU C 184 10.13 -5.26 -17.82
C LEU C 184 10.48 -6.73 -17.68
N PRO C 185 11.75 -7.02 -17.40
CA PRO C 185 12.09 -8.40 -17.04
C PRO C 185 11.62 -8.72 -15.64
N VAL C 186 11.72 -9.99 -15.28
CA VAL C 186 11.31 -10.48 -13.96
C VAL C 186 12.27 -10.02 -12.88
N PRO D 13 -11.61 25.54 -35.13
CA PRO D 13 -10.52 24.58 -34.91
C PRO D 13 -9.56 25.07 -33.84
N ALA D 14 -9.16 24.17 -32.95
CA ALA D 14 -8.21 24.53 -31.90
C ALA D 14 -6.90 23.77 -32.10
N ASP D 15 -5.83 24.54 -32.23
CA ASP D 15 -4.47 24.01 -32.26
C ASP D 15 -4.03 23.74 -30.82
N ILE D 16 -3.82 22.48 -30.49
CA ILE D 16 -3.34 22.10 -29.16
C ILE D 16 -1.84 21.92 -29.27
N ARG D 17 -1.09 22.56 -28.39
CA ARG D 17 0.37 22.49 -28.47
C ARG D 17 0.97 22.73 -27.11
N ARG D 18 2.25 22.43 -26.98
CA ARG D 18 2.98 22.70 -25.74
C ARG D 18 2.97 24.19 -25.47
N ALA D 19 2.71 24.55 -24.22
CA ALA D 19 2.79 25.94 -23.81
C ALA D 19 4.23 26.38 -23.89
N THR D 20 4.43 27.63 -24.27
CA THR D 20 5.76 28.21 -24.33
C THR D 20 5.82 29.47 -23.47
N GLU D 21 7.03 29.97 -23.24
CA GLU D 21 7.19 31.20 -22.49
C GLU D 21 6.42 32.36 -23.13
N ALA D 22 6.39 32.40 -24.46
CA ALA D 22 5.70 33.49 -25.16
C ALA D 22 4.20 33.48 -24.89
N ASP D 23 3.67 32.33 -24.50
CA ASP D 23 2.24 32.20 -24.21
C ASP D 23 1.85 32.73 -22.85
N MET D 24 2.84 32.88 -21.98
CA MET D 24 2.56 33.10 -20.57
C MET D 24 1.87 34.44 -20.24
N PRO D 25 2.23 35.53 -20.93
CA PRO D 25 1.46 36.74 -20.64
C PRO D 25 -0.03 36.57 -20.94
N ALA D 26 -0.35 35.91 -22.06
CA ALA D 26 -1.76 35.71 -22.42
C ALA D 26 -2.47 34.82 -21.40
N VAL D 27 -1.76 33.77 -20.96
CA VAL D 27 -2.31 32.85 -19.96
C VAL D 27 -2.56 33.58 -18.64
N CYS D 28 -1.57 34.33 -18.20
CA CYS D 28 -1.67 35.10 -16.98
C CYS D 28 -2.85 36.07 -17.03
N THR D 29 -3.07 36.68 -18.17
CA THR D 29 -4.21 37.58 -18.33
C THR D 29 -5.53 36.85 -18.15
N ILE D 30 -5.65 35.68 -18.76
CA ILE D 30 -6.86 34.89 -18.64
C ILE D 30 -7.09 34.47 -17.18
N VAL D 31 -6.09 33.89 -16.57
CA VAL D 31 -6.26 33.38 -15.21
C VAL D 31 -6.48 34.51 -14.20
N ASN D 32 -5.80 35.64 -14.39
CA ASN D 32 -5.97 36.77 -13.49
C ASN D 32 -7.41 37.28 -13.48
N HIS D 33 -8.07 37.25 -14.64
CA HIS D 33 -9.47 37.64 -14.69
C HIS D 33 -10.29 36.80 -13.75
N TYR D 34 -10.01 35.50 -13.73
CA TYR D 34 -10.75 34.59 -12.87
C TYR D 34 -10.37 34.75 -11.40
N ILE D 35 -9.10 35.04 -11.13
CA ILE D 35 -8.69 35.33 -9.76
C ILE D 35 -9.50 36.50 -9.24
N GLU D 36 -9.63 37.54 -10.05
CA GLU D 36 -10.38 38.73 -9.63
C GLU D 36 -11.88 38.48 -9.43
N THR D 37 -12.49 37.74 -10.35
CA THR D 37 -13.96 37.73 -10.48
C THR D 37 -14.65 36.44 -10.08
N SER D 38 -13.88 35.41 -9.71
CA SER D 38 -14.42 34.08 -9.45
C SER D 38 -13.82 33.54 -8.16
N THR D 39 -14.52 32.59 -7.54
CA THR D 39 -13.97 31.84 -6.42
C THR D 39 -13.61 30.40 -6.80
N VAL D 40 -13.44 30.12 -8.09
CA VAL D 40 -13.09 28.76 -8.49
C VAL D 40 -11.68 28.43 -8.00
N ASN D 41 -10.86 29.47 -7.87
CA ASN D 41 -9.63 29.36 -7.11
C ASN D 41 -9.68 30.38 -6.00
N PHE D 42 -8.85 30.16 -4.98
CA PHE D 42 -8.89 31.01 -3.80
C PHE D 42 -7.74 32.00 -3.78
N ARG D 43 -7.07 32.22 -4.92
CA ARG D 43 -6.07 33.29 -4.96
C ARG D 43 -6.78 34.62 -4.80
N THR D 44 -6.13 35.59 -4.17
CA THR D 44 -6.78 36.89 -3.94
C THR D 44 -5.86 38.01 -4.37
N GLU D 45 -4.89 37.67 -5.21
CA GLU D 45 -3.92 38.61 -5.72
C GLU D 45 -3.61 38.17 -7.15
N PRO D 46 -3.49 39.12 -8.10
CA PRO D 46 -3.11 38.73 -9.46
C PRO D 46 -1.69 38.24 -9.50
N GLN D 47 -1.39 37.36 -10.46
CA GLN D 47 -0.04 36.88 -10.68
C GLN D 47 0.65 37.67 -11.78
N GLU D 48 1.97 37.54 -11.81
CA GLU D 48 2.77 38.15 -12.86
C GLU D 48 3.23 37.07 -13.84
N PRO D 49 3.37 37.45 -15.11
CA PRO D 49 3.77 36.46 -16.13
C PRO D 49 5.05 35.69 -15.78
N GLN D 50 5.98 36.33 -15.08
N GLN D 50 5.96 36.32 -15.06
CA GLN D 50 7.22 35.65 -14.75
CA GLN D 50 7.23 35.69 -14.72
C GLN D 50 6.99 34.42 -13.87
C GLN D 50 7.02 34.46 -13.84
N GLU D 51 5.98 34.49 -13.01
CA GLU D 51 5.65 33.37 -12.14
C GLU D 51 5.24 32.17 -12.99
N TRP D 52 4.41 32.46 -13.99
CA TRP D 52 3.96 31.44 -14.92
C TRP D 52 5.13 30.83 -15.68
N THR D 53 6.02 31.70 -16.16
CA THR D 53 7.18 31.25 -16.90
C THR D 53 8.06 30.37 -16.02
N ASP D 54 8.28 30.78 -14.79
CA ASP D 54 9.09 29.98 -13.86
C ASP D 54 8.51 28.58 -13.66
N ASP D 55 7.21 28.51 -13.40
CA ASP D 55 6.58 27.21 -13.19
C ASP D 55 6.63 26.37 -14.47
N LEU D 56 6.36 27.02 -15.60
CA LEU D 56 6.40 26.32 -16.89
C LEU D 56 7.78 25.67 -17.12
N VAL D 57 8.83 26.45 -16.94
CA VAL D 57 10.18 25.97 -17.20
C VAL D 57 10.54 24.84 -16.26
N ARG D 58 10.11 24.96 -15.00
CA ARG D 58 10.43 23.97 -13.99
C ARG D 58 9.71 22.64 -14.23
N LEU D 59 8.48 22.70 -14.72
CA LEU D 59 7.61 21.52 -14.75
C LEU D 59 7.34 20.91 -16.12
N ARG D 60 7.58 21.66 -17.20
CA ARG D 60 7.07 21.28 -18.51
C ARG D 60 7.63 19.96 -19.04
N GLU D 61 8.79 19.53 -18.54
CA GLU D 61 9.41 18.30 -19.02
C GLU D 61 8.82 17.07 -18.33
N ARG D 62 8.38 17.26 -17.09
CA ARG D 62 7.81 16.18 -16.29
C ARG D 62 6.29 16.08 -16.43
N TYR D 63 5.65 17.23 -16.64
CA TYR D 63 4.19 17.33 -16.69
C TYR D 63 3.74 18.07 -17.94
N PRO D 64 2.65 17.61 -18.56
CA PRO D 64 2.16 18.36 -19.72
C PRO D 64 1.64 19.74 -19.36
N TRP D 65 2.12 20.72 -20.11
CA TRP D 65 1.61 22.08 -20.05
C TRP D 65 1.17 22.41 -21.47
N LEU D 66 -0.14 22.57 -21.67
CA LEU D 66 -0.71 22.66 -23.01
C LEU D 66 -1.56 23.89 -23.18
N VAL D 67 -1.46 24.53 -24.34
CA VAL D 67 -2.35 25.63 -24.66
C VAL D 67 -3.16 25.29 -25.89
N ALA D 68 -4.35 25.88 -25.97
CA ALA D 68 -5.16 25.84 -27.17
C ALA D 68 -5.06 27.19 -27.83
N GLU D 69 -4.73 27.18 -29.12
CA GLU D 69 -4.71 28.40 -29.93
C GLU D 69 -5.89 28.36 -30.87
N VAL D 70 -6.70 29.42 -30.85
CA VAL D 70 -7.86 29.56 -31.73
C VAL D 70 -7.72 30.87 -32.45
N ASP D 71 -7.79 30.81 -33.77
CA ASP D 71 -7.56 31.97 -34.63
C ASP D 71 -6.31 32.74 -34.22
N GLY D 72 -5.24 31.99 -33.93
CA GLY D 72 -3.94 32.58 -33.69
C GLY D 72 -3.70 33.18 -32.30
N GLU D 73 -4.67 33.02 -31.39
CA GLU D 73 -4.53 33.54 -30.04
C GLU D 73 -4.69 32.44 -29.00
N VAL D 74 -3.98 32.56 -27.89
CA VAL D 74 -4.14 31.63 -26.77
C VAL D 74 -5.56 31.74 -26.21
N ALA D 75 -6.28 30.62 -26.20
CA ALA D 75 -7.68 30.60 -25.79
C ALA D 75 -7.89 29.75 -24.54
N GLY D 76 -6.87 29.02 -24.14
CA GLY D 76 -6.97 28.20 -22.94
C GLY D 76 -5.66 27.53 -22.60
N ILE D 77 -5.57 27.08 -21.35
CA ILE D 77 -4.43 26.32 -20.90
C ILE D 77 -4.90 25.17 -20.01
N ALA D 78 -4.26 24.03 -20.13
CA ALA D 78 -4.38 22.98 -19.13
C ALA D 78 -2.98 22.54 -18.78
N TYR D 79 -2.73 22.37 -17.50
CA TYR D 79 -1.40 22.00 -17.05
C TYR D 79 -1.46 21.13 -15.82
N ALA D 80 -0.40 20.37 -15.62
CA ALA D 80 -0.30 19.51 -14.47
C ALA D 80 0.98 19.81 -13.68
N GLY D 81 0.99 19.34 -12.45
CA GLY D 81 2.16 19.44 -11.60
C GLY D 81 2.05 18.44 -10.47
N PRO D 82 3.04 18.46 -9.58
CA PRO D 82 3.01 17.53 -8.44
C PRO D 82 1.86 17.84 -7.49
N TRP D 83 1.25 16.81 -6.93
CA TRP D 83 0.21 16.99 -5.93
C TRP D 83 0.82 17.44 -4.61
N LYS D 84 1.88 16.75 -4.18
CA LYS D 84 2.49 17.05 -2.91
C LYS D 84 3.97 16.65 -2.94
N ALA D 85 4.79 17.41 -2.24
CA ALA D 85 6.24 17.27 -2.32
C ALA D 85 6.77 16.15 -1.43
N ARG D 86 6.32 14.94 -1.72
CA ARG D 86 6.81 13.75 -1.05
C ARG D 86 6.91 12.63 -2.07
N ASN D 87 7.95 11.81 -1.93
CA ASN D 87 8.26 10.77 -2.91
C ASN D 87 7.10 9.84 -3.16
N ALA D 88 6.36 9.52 -2.10
CA ALA D 88 5.24 8.58 -2.24
C ALA D 88 4.16 9.14 -3.15
N TYR D 89 4.12 10.45 -3.31
CA TYR D 89 3.12 11.09 -4.17
C TYR D 89 3.59 11.27 -5.61
N ASP D 90 4.73 10.67 -5.97
CA ASP D 90 5.33 10.91 -7.28
C ASP D 90 4.41 10.54 -8.45
N TRP D 91 3.48 9.62 -8.22
CA TRP D 91 2.57 9.16 -9.26
C TRP D 91 1.22 9.86 -9.21
N THR D 92 1.12 10.89 -8.37
CA THR D 92 -0.12 11.63 -8.19
C THR D 92 0.09 13.06 -8.68
N ALA D 93 -0.68 13.43 -9.70
CA ALA D 93 -0.55 14.75 -10.31
C ALA D 93 -1.73 15.60 -9.94
N GLU D 94 -1.53 16.91 -9.99
CA GLU D 94 -2.63 17.86 -9.90
C GLU D 94 -2.88 18.40 -11.31
N SER D 95 -4.14 18.59 -11.69
CA SER D 95 -4.46 19.18 -12.99
C SER D 95 -5.24 20.48 -12.81
N THR D 96 -5.04 21.39 -13.77
CA THR D 96 -5.67 22.70 -13.78
C THR D 96 -6.04 23.05 -15.22
N VAL D 97 -7.16 23.73 -15.42
CA VAL D 97 -7.58 24.16 -16.75
C VAL D 97 -8.34 25.48 -16.66
N TYR D 98 -8.01 26.40 -17.58
CA TYR D 98 -8.67 27.70 -17.69
C TYR D 98 -8.86 28.01 -19.17
N VAL D 99 -10.09 28.36 -19.53
CA VAL D 99 -10.43 28.78 -20.87
C VAL D 99 -10.80 30.25 -20.83
N SER D 100 -10.42 30.97 -21.88
CA SER D 100 -10.77 32.37 -22.02
C SER D 100 -12.27 32.60 -21.85
N PRO D 101 -12.66 33.70 -21.20
CA PRO D 101 -14.08 34.00 -21.03
C PRO D 101 -14.84 34.17 -22.35
N ARG D 102 -14.13 34.34 -23.47
CA ARG D 102 -14.78 34.48 -24.77
C ARG D 102 -14.98 33.14 -25.48
N HIS D 103 -14.48 32.07 -24.86
CA HIS D 103 -14.43 30.76 -25.54
C HIS D 103 -15.07 29.64 -24.72
N GLN D 104 -15.85 30.01 -23.71
CA GLN D 104 -16.51 29.04 -22.85
C GLN D 104 -17.43 28.13 -23.63
N ARG D 105 -17.44 26.87 -23.23
CA ARG D 105 -18.37 25.87 -23.74
C ARG D 105 -18.35 25.74 -25.26
N THR D 106 -17.13 25.71 -25.82
CA THR D 106 -16.91 25.37 -27.23
C THR D 106 -16.02 24.15 -27.35
N GLY D 107 -15.88 23.41 -26.25
CA GLY D 107 -15.13 22.16 -26.27
C GLY D 107 -13.65 22.28 -25.97
N LEU D 108 -13.14 23.50 -25.76
CA LEU D 108 -11.71 23.68 -25.53
C LEU D 108 -11.20 23.04 -24.26
N GLY D 109 -11.92 23.25 -23.16
CA GLY D 109 -11.52 22.72 -21.87
C GLY D 109 -11.42 21.21 -21.91
N SER D 110 -12.48 20.56 -22.40
CA SER D 110 -12.48 19.11 -22.47
C SER D 110 -11.46 18.59 -23.49
N THR D 111 -11.21 19.32 -24.58
CA THR D 111 -10.18 18.91 -25.52
C THR D 111 -8.78 19.01 -24.90
N LEU D 112 -8.51 20.14 -24.25
CA LEU D 112 -7.24 20.31 -23.55
C LEU D 112 -7.02 19.23 -22.51
N TYR D 113 -8.05 18.98 -21.70
CA TYR D 113 -7.92 17.98 -20.64
C TYR D 113 -7.69 16.60 -21.22
N THR D 114 -8.36 16.29 -22.33
CA THR D 114 -8.22 14.98 -22.91
C THR D 114 -6.78 14.76 -23.35
N HIS D 115 -6.16 15.77 -23.97
CA HIS D 115 -4.75 15.67 -24.32
C HIS D 115 -3.88 15.54 -23.07
N LEU D 116 -4.20 16.32 -22.04
CA LEU D 116 -3.43 16.32 -20.80
C LEU D 116 -3.49 14.95 -20.14
N LEU D 117 -4.71 14.42 -20.02
CA LEU D 117 -4.95 13.15 -19.35
C LEU D 117 -4.36 11.96 -20.12
N LYS D 118 -4.45 11.99 -21.45
CA LYS D 118 -3.84 10.93 -22.25
C LYS D 118 -2.33 10.89 -22.02
N SER D 119 -1.71 12.07 -21.90
CA SER D 119 -0.28 12.12 -21.62
C SER D 119 0.03 11.58 -20.23
N LEU D 120 -0.68 12.06 -19.22
CA LEU D 120 -0.40 11.61 -17.86
C LEU D 120 -0.59 10.10 -17.75
N GLU D 121 -1.61 9.57 -18.41
CA GLU D 121 -1.83 8.13 -18.39
C GLU D 121 -0.65 7.40 -19.02
N ALA D 122 -0.26 7.84 -20.22
CA ALA D 122 0.84 7.20 -20.94
C ALA D 122 2.15 7.32 -20.18
N GLN D 123 2.32 8.42 -19.46
CA GLN D 123 3.54 8.64 -18.70
C GLN D 123 3.63 7.75 -17.48
N GLY D 124 2.52 7.11 -17.11
CA GLY D 124 2.53 6.17 -16.00
C GLY D 124 2.12 6.72 -14.66
N PHE D 125 1.33 7.79 -14.65
CA PHE D 125 0.79 8.29 -13.40
C PHE D 125 -0.31 7.39 -12.87
N LYS D 126 -0.56 7.47 -11.57
CA LYS D 126 -1.59 6.67 -10.92
C LYS D 126 -2.92 7.39 -10.88
N SER D 127 -2.91 8.68 -10.64
CA SER D 127 -4.16 9.40 -10.63
C SER D 127 -3.89 10.89 -10.78
N VAL D 128 -4.95 11.64 -11.05
CA VAL D 128 -4.88 13.07 -11.22
C VAL D 128 -5.94 13.70 -10.34
N VAL D 129 -5.53 14.71 -9.59
CA VAL D 129 -6.39 15.39 -8.62
C VAL D 129 -6.68 16.81 -9.07
N ALA D 130 -7.94 17.21 -9.03
CA ALA D 130 -8.36 18.56 -9.32
C ALA D 130 -8.95 19.21 -8.07
N VAL D 131 -8.51 20.42 -7.77
CA VAL D 131 -9.00 21.15 -6.61
C VAL D 131 -9.93 22.23 -7.14
N ILE D 132 -11.17 22.19 -6.67
CA ILE D 132 -12.20 23.08 -7.16
C ILE D 132 -12.84 23.84 -6.00
N GLY D 133 -12.64 25.15 -5.98
CA GLY D 133 -13.32 26.01 -5.05
C GLY D 133 -14.80 26.08 -5.38
N LEU D 134 -15.65 25.97 -4.36
CA LEU D 134 -17.08 25.80 -4.57
C LEU D 134 -17.91 27.00 -4.11
N PRO D 135 -19.07 27.21 -4.74
CA PRO D 135 -19.65 26.43 -5.84
C PRO D 135 -19.03 26.78 -7.19
N ASN D 136 -18.95 25.80 -8.09
CA ASN D 136 -18.50 26.03 -9.46
C ASN D 136 -19.02 24.91 -10.36
N ASP D 137 -20.31 24.98 -10.70
CA ASP D 137 -20.95 23.89 -11.44
C ASP D 137 -20.27 23.60 -12.78
N PRO D 138 -19.89 24.64 -13.53
CA PRO D 138 -19.24 24.36 -14.82
C PRO D 138 -18.00 23.47 -14.67
N SER D 139 -17.12 23.80 -13.73
CA SER D 139 -15.92 23.01 -13.58
C SER D 139 -16.21 21.62 -13.01
N VAL D 140 -17.11 21.53 -12.04
CA VAL D 140 -17.48 20.22 -11.49
C VAL D 140 -18.07 19.33 -12.60
N ARG D 141 -18.95 19.90 -13.40
CA ARG D 141 -19.61 19.10 -14.42
C ARG D 141 -18.62 18.66 -15.49
N MET D 142 -17.71 19.55 -15.87
N MET D 142 -17.71 19.56 -15.86
CA MET D 142 -16.71 19.22 -16.88
CA MET D 142 -16.72 19.24 -16.86
C MET D 142 -15.78 18.11 -16.36
C MET D 142 -15.77 18.13 -16.37
N HIS D 143 -15.32 18.24 -15.13
CA HIS D 143 -14.44 17.25 -14.55
C HIS D 143 -15.13 15.88 -14.45
N GLU D 144 -16.37 15.88 -13.98
CA GLU D 144 -17.09 14.62 -13.87
C GLU D 144 -17.40 14.01 -15.23
N ALA D 145 -17.61 14.86 -16.24
CA ALA D 145 -17.84 14.36 -17.59
C ALA D 145 -16.61 13.64 -18.12
N LEU D 146 -15.44 14.04 -17.63
CA LEU D 146 -14.18 13.44 -18.06
C LEU D 146 -13.69 12.33 -17.13
N GLY D 147 -14.54 11.91 -16.20
CA GLY D 147 -14.24 10.73 -15.40
C GLY D 147 -13.71 10.99 -14.00
N TYR D 148 -13.52 12.25 -13.63
CA TYR D 148 -13.10 12.56 -12.26
C TYR D 148 -14.25 12.27 -11.32
N ALA D 149 -13.94 11.69 -10.17
CA ALA D 149 -14.94 11.39 -9.15
C ALA D 149 -14.78 12.35 -7.97
N PRO D 150 -15.90 12.74 -7.36
CA PRO D 150 -15.79 13.58 -6.16
C PRO D 150 -15.23 12.76 -4.99
N ARG D 151 -14.19 13.29 -4.36
CA ARG D 151 -13.49 12.56 -3.32
C ARG D 151 -13.54 13.26 -1.99
N GLY D 152 -14.34 14.29 -1.88
CA GLY D 152 -14.52 14.93 -0.60
C GLY D 152 -14.41 16.42 -0.70
N MET D 153 -14.55 17.08 0.44
N MET D 153 -14.48 17.07 0.45
CA MET D 153 -14.66 18.52 0.46
CA MET D 153 -14.70 18.51 0.47
C MET D 153 -14.42 19.03 1.85
C MET D 153 -14.38 19.00 1.87
N LEU D 154 -13.59 20.07 1.95
CA LEU D 154 -13.36 20.75 3.22
C LEU D 154 -14.36 21.88 3.30
N ARG D 155 -15.00 22.06 4.44
CA ARG D 155 -16.02 23.10 4.57
C ARG D 155 -15.41 24.43 4.97
N ALA D 156 -15.89 25.50 4.36
CA ALA D 156 -15.53 26.85 4.79
C ALA D 156 -14.03 26.96 4.94
N ALA D 157 -13.31 26.45 3.94
CA ALA D 157 -11.87 26.35 4.00
C ALA D 157 -11.16 27.61 3.57
N GLY D 158 -11.81 28.38 2.70
CA GLY D 158 -11.23 29.62 2.20
C GLY D 158 -12.17 30.77 2.39
N PHE D 159 -11.61 31.93 2.73
CA PHE D 159 -12.38 33.16 2.80
C PHE D 159 -12.02 33.99 1.59
N LYS D 160 -12.97 34.15 0.69
CA LYS D 160 -12.74 34.95 -0.51
C LYS D 160 -14.04 35.62 -0.93
N HIS D 161 -13.93 36.83 -1.46
CA HIS D 161 -15.10 37.57 -1.92
C HIS D 161 -16.11 37.71 -0.79
N GLY D 162 -15.59 37.89 0.43
CA GLY D 162 -16.43 38.21 1.57
C GLY D 162 -17.22 37.06 2.16
N ASN D 163 -16.95 35.84 1.75
CA ASN D 163 -17.65 34.68 2.30
C ASN D 163 -16.72 33.50 2.45
N TRP D 164 -17.12 32.54 3.30
CA TRP D 164 -16.44 31.26 3.38
C TRP D 164 -16.87 30.44 2.19
N HIS D 165 -15.91 29.71 1.64
CA HIS D 165 -16.17 28.77 0.56
C HIS D 165 -15.59 27.41 0.88
N ASP D 166 -16.38 26.39 0.56
CA ASP D 166 -15.92 25.02 0.62
C ASP D 166 -14.94 24.79 -0.51
N VAL D 167 -14.08 23.80 -0.37
CA VAL D 167 -13.20 23.37 -1.45
C VAL D 167 -13.31 21.86 -1.62
N GLY D 168 -13.46 21.44 -2.88
CA GLY D 168 -13.64 20.03 -3.18
C GLY D 168 -12.49 19.45 -3.94
N PHE D 169 -12.28 18.15 -3.75
N PHE D 169 -12.26 18.16 -3.73
CA PHE D 169 -11.24 17.42 -4.46
CA PHE D 169 -11.25 17.42 -4.48
C PHE D 169 -11.89 16.38 -5.37
C PHE D 169 -11.92 16.39 -5.38
N TRP D 170 -11.51 16.42 -6.64
CA TRP D 170 -11.98 15.46 -7.64
C TRP D 170 -10.77 14.67 -8.12
N GLN D 171 -10.97 13.38 -8.40
CA GLN D 171 -9.85 12.52 -8.73
C GLN D 171 -10.19 11.56 -9.87
N LEU D 172 -9.28 11.49 -10.84
CA LEU D 172 -9.38 10.55 -11.94
C LEU D 172 -8.35 9.46 -11.73
N ASP D 173 -8.81 8.22 -11.63
CA ASP D 173 -7.93 7.11 -11.30
C ASP D 173 -7.48 6.37 -12.55
N PHE D 174 -6.17 6.13 -12.65
CA PHE D 174 -5.62 5.20 -13.63
C PHE D 174 -5.26 3.91 -12.91
N SER D 175 -4.95 2.87 -13.67
CA SER D 175 -4.56 1.61 -13.07
C SER D 175 -3.05 1.44 -13.15
N LEU D 176 -2.44 1.16 -12.01
CA LEU D 176 -1.02 0.82 -11.97
C LEU D 176 -0.82 -0.39 -11.10
N PRO D 177 0.22 -1.16 -11.36
CA PRO D 177 0.54 -2.34 -10.55
C PRO D 177 1.32 -2.00 -9.28
N VAL D 178 1.64 -3.03 -8.51
CA VAL D 178 2.56 -2.92 -7.40
C VAL D 178 3.81 -3.71 -7.77
N PRO D 179 4.98 -3.05 -7.81
CA PRO D 179 5.25 -1.62 -7.62
C PRO D 179 5.13 -0.86 -8.93
N PRO D 180 4.87 0.45 -8.86
CA PRO D 180 4.80 1.28 -10.07
C PRO D 180 6.17 1.59 -10.63
N ARG D 181 6.28 1.62 -11.96
CA ARG D 181 7.49 2.07 -12.61
C ARG D 181 7.59 3.58 -12.45
N PRO D 182 8.80 4.12 -12.40
CA PRO D 182 8.92 5.58 -12.38
C PRO D 182 8.29 6.20 -13.61
N VAL D 183 7.66 7.34 -13.42
N VAL D 183 7.65 7.34 -13.43
CA VAL D 183 6.96 8.05 -14.48
CA VAL D 183 6.93 7.96 -14.53
C VAL D 183 7.91 8.45 -15.61
C VAL D 183 7.89 8.44 -15.61
N LEU D 184 7.39 8.48 -16.84
CA LEU D 184 8.16 8.96 -17.97
C LEU D 184 8.03 10.47 -18.07
N PRO D 185 9.03 11.13 -18.65
CA PRO D 185 8.85 12.55 -18.95
C PRO D 185 7.88 12.71 -20.11
N VAL D 186 7.45 13.94 -20.35
CA VAL D 186 6.54 14.22 -21.43
C VAL D 186 7.23 13.94 -22.77
#